data_1JCR
#
_entry.id   1JCR
#
_cell.length_a   171.225
_cell.length_b   171.225
_cell.length_c   69.332
_cell.angle_alpha   90.00
_cell.angle_beta   90.00
_cell.angle_gamma   120.00
#
_symmetry.space_group_name_H-M   'P 61'
#
loop_
_entity.id
_entity.type
_entity.pdbx_description
1 polymer 'PROTEIN FARNESYLTRANSFERASE, ALPHA SUBUNIT'
2 polymer 'PROTEIN FARNESYLTRANSFERASE, BETA SUBUNIT'
3 polymer 'SYNTHETIC TETRAPEPTIDE CVFM'
4 non-polymer 'ACETIC ACID'
5 non-polymer 'ZINC ION'
6 non-polymer 'FARNESYL DIPHOSPHATE'
7 water water
#
loop_
_entity_poly.entity_id
_entity_poly.type
_entity_poly.pdbx_seq_one_letter_code
_entity_poly.pdbx_strand_id
1 'polypeptide(L)'
;MAATEGVGESAPGGEPGQPEQPPPPPPPPPAQQPQEEEMAAEAGEAAASPMDDGFLSLDSPTYVLYRDRAEWADIDPVPQ
NDGPSPVVQIIYSEKFRDVYDYFRAVLQRDERSERAFKLTRDAIELNAANYTVWHFRRVLLRSLQKDLQEEMNYIIAIIE
EQPKNYQVWHHRRVLVEWLKDPSQELEFIADILNQDAKNYHAWQHRQWVIQEFRLWDNELQYVDQLLKEDVRNNSVWNQR
HFVISNTTGYSDRAVLEREVQYTLEMIKLVPHNESAWNYLKGILQDRGLSRYPNLLNQLLDLQPSHSSPYLIAFLVDIYE
DMLENQCDNKEDILNKALELCEILAKEKDTIRKEYWRYIGRSLQSKHSRESDIPASV
;
A
2 'polypeptide(L)'
;MASSSSFTYYCPPSSSPVWSEPLYSLRPEHARERLQDDSVETVTSIEQAKVEEKIQEVFSSYKFNHLVPRLVLQREKHFH
YLKRGLRQLTDAYECLDASRPWLCYWILHSLELLDEPIPQIVATDVCQFLELCQSPDGGFGGGPGQYPHLAPTYAAVNAL
CIIGTEEAYNVINREKLLQYLYSLKQPDGSFLMHVGGEVDVRSAYCAASVASLTNIITPDLFEGTAEWIARCQNWEGGIG
GVPGMEAHGGYTFCGLAALVILKKERSLNLKSLLQWVTSRQMRFEGGFQGRCNKLVDGCYSFWQAGLLPLLHRALHAQGD
PALSMSHWMFHQQALQEYILMCCQCPAGGLLDKPGKSRDFYHTCYCLSGLSIAQHFGSGAMLHDVVMGVPENVLQPTHPV
YNIGPDKVIQATTHFLQKPVPGFEECEDAVTSDPATD
;
B
3 'polypeptide(L)' CVFM C
#
loop_
_chem_comp.id
_chem_comp.type
_chem_comp.name
_chem_comp.formula
ACY non-polymer 'ACETIC ACID' 'C2 H4 O2'
FPP non-polymer 'FARNESYL DIPHOSPHATE' 'C15 H28 O7 P2'
ZN non-polymer 'ZINC ION' 'Zn 2'
#
# COMPACT_ATOMS: atom_id res chain seq x y z
N PHE A 55 20.14 25.62 -19.38
CA PHE A 55 20.80 26.94 -19.27
C PHE A 55 20.88 27.40 -17.81
N LEU A 56 19.77 27.91 -17.25
CA LEU A 56 19.82 28.39 -15.87
C LEU A 56 19.18 27.51 -14.81
N SER A 57 20.02 26.80 -14.05
CA SER A 57 19.53 25.92 -13.01
C SER A 57 18.66 26.61 -11.96
N LEU A 58 17.71 25.84 -11.48
CA LEU A 58 16.74 26.27 -10.47
C LEU A 58 17.46 26.62 -9.16
N ASP A 59 18.63 26.02 -8.94
CA ASP A 59 19.39 26.31 -7.72
C ASP A 59 20.62 27.20 -7.89
N SER A 60 20.80 27.71 -9.10
CA SER A 60 21.90 28.59 -9.44
C SER A 60 21.78 29.88 -8.62
N PRO A 61 22.90 30.39 -8.07
CA PRO A 61 22.84 31.62 -7.28
C PRO A 61 22.34 32.82 -8.09
N THR A 62 22.50 32.75 -9.41
CA THR A 62 22.07 33.82 -10.31
C THR A 62 20.73 33.55 -10.98
N TYR A 63 20.00 32.55 -10.46
CA TYR A 63 18.68 32.20 -10.99
C TYR A 63 17.77 33.42 -10.86
N VAL A 64 17.00 33.68 -11.91
CA VAL A 64 16.08 34.81 -11.97
C VAL A 64 14.65 34.33 -12.23
N LEU A 65 13.66 34.95 -11.60
CA LEU A 65 12.28 34.54 -11.82
C LEU A 65 11.93 34.77 -13.28
N TYR A 66 11.03 33.95 -13.80
CA TYR A 66 10.59 34.07 -15.19
C TYR A 66 9.99 35.44 -15.50
N ARG A 67 9.29 36.02 -14.53
CA ARG A 67 8.68 37.33 -14.76
C ARG A 67 9.72 38.42 -14.92
N ASP A 68 10.98 38.09 -14.67
CA ASP A 68 12.05 39.05 -14.82
C ASP A 68 12.97 38.67 -15.97
N ARG A 69 12.51 37.77 -16.84
CA ARG A 69 13.31 37.35 -17.99
C ARG A 69 12.79 38.01 -19.26
N ALA A 70 13.68 38.71 -19.96
CA ALA A 70 13.32 39.43 -21.19
C ALA A 70 12.72 38.50 -22.23
N GLU A 71 13.39 37.38 -22.48
CA GLU A 71 12.94 36.40 -23.48
C GLU A 71 11.56 35.80 -23.18
N TRP A 72 10.95 36.19 -22.06
CA TRP A 72 9.61 35.73 -21.69
C TRP A 72 8.66 36.90 -21.57
N ALA A 73 9.08 38.10 -21.98
CA ALA A 73 8.24 39.31 -21.84
C ALA A 73 6.94 39.33 -22.64
N ASP A 74 6.89 38.56 -23.73
CA ASP A 74 5.69 38.49 -24.58
C ASP A 74 4.53 37.70 -23.98
N ILE A 75 4.84 36.78 -23.08
CA ILE A 75 3.87 35.91 -22.44
C ILE A 75 3.28 36.45 -21.15
N ASP A 76 1.96 36.35 -21.01
CA ASP A 76 1.29 36.75 -19.78
C ASP A 76 1.13 35.49 -18.92
N PRO A 77 1.76 35.45 -17.74
CA PRO A 77 1.60 34.24 -16.94
C PRO A 77 0.14 34.05 -16.56
N VAL A 78 -0.25 32.79 -16.35
CA VAL A 78 -1.63 32.48 -16.01
C VAL A 78 -1.65 32.02 -14.57
N PRO A 79 -2.22 32.85 -13.68
CA PRO A 79 -2.29 32.50 -12.25
C PRO A 79 -3.24 31.32 -12.03
N GLN A 80 -3.02 30.58 -10.95
CA GLN A 80 -3.84 29.44 -10.66
C GLN A 80 -5.26 29.82 -10.32
N ASN A 81 -6.18 29.14 -10.97
CA ASN A 81 -7.62 29.34 -10.80
C ASN A 81 -8.13 28.56 -9.58
N ASP A 82 -7.93 29.09 -8.37
CA ASP A 82 -8.38 28.41 -7.17
C ASP A 82 -9.79 28.74 -6.71
N GLY A 83 -10.39 29.74 -7.34
CA GLY A 83 -11.74 30.12 -6.96
C GLY A 83 -11.76 31.22 -5.91
N PRO A 84 -12.92 31.84 -5.68
CA PRO A 84 -13.09 32.92 -4.70
C PRO A 84 -12.69 32.61 -3.26
N SER A 85 -12.95 31.41 -2.78
CA SER A 85 -12.55 31.04 -1.40
C SER A 85 -11.94 29.65 -1.38
N PRO A 86 -10.63 29.56 -1.62
CA PRO A 86 -9.82 28.34 -1.66
C PRO A 86 -9.86 27.42 -0.45
N VAL A 87 -9.72 26.12 -0.72
CA VAL A 87 -9.62 25.09 0.31
C VAL A 87 -8.27 24.45 -0.02
N VAL A 88 -7.63 23.86 0.98
CA VAL A 88 -6.31 23.24 0.82
C VAL A 88 -5.38 24.08 -0.06
N GLN A 89 -5.42 25.38 0.15
CA GLN A 89 -4.60 26.29 -0.61
C GLN A 89 -3.16 26.28 -0.14
N ILE A 90 -2.25 25.97 -1.04
CA ILE A 90 -0.83 25.90 -0.70
C ILE A 90 -0.17 27.27 -0.87
N ILE A 91 0.49 27.75 0.18
CA ILE A 91 1.17 29.05 0.13
C ILE A 91 2.53 28.82 -0.53
N TYR A 92 2.52 28.75 -1.85
CA TYR A 92 3.74 28.50 -2.61
C TYR A 92 4.78 29.57 -2.41
N SER A 93 6.04 29.19 -2.57
CA SER A 93 7.13 30.14 -2.48
C SER A 93 7.07 30.92 -3.80
N GLU A 94 7.82 32.00 -3.87
CA GLU A 94 7.90 32.83 -5.06
C GLU A 94 8.34 32.05 -6.28
N LYS A 95 9.46 31.34 -6.13
CA LYS A 95 10.01 30.58 -7.23
C LYS A 95 9.01 29.60 -7.81
N PHE A 96 8.32 28.88 -6.94
CA PHE A 96 7.36 27.86 -7.36
C PHE A 96 6.22 28.45 -8.16
N ARG A 97 5.55 29.44 -7.57
CA ARG A 97 4.40 30.07 -8.20
C ARG A 97 4.77 30.74 -9.51
N ASP A 98 5.96 31.32 -9.58
CA ASP A 98 6.41 32.00 -10.78
C ASP A 98 6.57 30.99 -11.95
N VAL A 99 7.27 29.90 -11.69
CA VAL A 99 7.45 28.88 -12.72
C VAL A 99 6.11 28.29 -13.17
N TYR A 100 5.26 27.95 -12.20
CA TYR A 100 3.99 27.36 -12.54
C TYR A 100 3.02 28.28 -13.23
N ASP A 101 3.12 29.59 -12.98
CA ASP A 101 2.26 30.56 -13.64
C ASP A 101 2.68 30.62 -15.11
N TYR A 102 3.98 30.45 -15.35
CA TYR A 102 4.44 30.46 -16.72
C TYR A 102 4.16 29.13 -17.40
N PHE A 103 4.18 28.05 -16.62
CA PHE A 103 3.88 26.74 -17.18
C PHE A 103 2.41 26.74 -17.62
N ARG A 104 1.54 27.28 -16.76
CA ARG A 104 0.13 27.36 -17.06
C ARG A 104 -0.07 28.13 -18.36
N ALA A 105 0.76 29.14 -18.58
CA ALA A 105 0.63 29.94 -19.79
C ALA A 105 1.00 29.15 -21.03
N VAL A 106 2.14 28.47 -21.01
CA VAL A 106 2.57 27.72 -22.19
C VAL A 106 1.67 26.52 -22.44
N LEU A 107 1.17 25.91 -21.37
CA LEU A 107 0.29 24.75 -21.50
C LEU A 107 -1.02 25.20 -22.15
N GLN A 108 -1.56 26.30 -21.62
CA GLN A 108 -2.81 26.85 -22.10
C GLN A 108 -2.80 27.21 -23.58
N ARG A 109 -1.70 27.79 -24.04
CA ARG A 109 -1.63 28.14 -25.46
C ARG A 109 -0.96 27.04 -26.27
N ASP A 110 -0.63 25.94 -25.62
CA ASP A 110 0.02 24.80 -26.27
C ASP A 110 1.24 25.24 -27.06
N GLU A 111 2.08 26.05 -26.42
CA GLU A 111 3.29 26.53 -27.06
C GLU A 111 4.35 25.44 -27.03
N ARG A 112 4.57 24.82 -28.18
CA ARG A 112 5.55 23.76 -28.29
C ARG A 112 6.86 24.37 -28.76
N SER A 113 7.59 24.96 -27.81
CA SER A 113 8.85 25.64 -28.10
C SER A 113 9.99 25.19 -27.20
N GLU A 114 11.19 25.54 -27.60
CA GLU A 114 12.38 25.22 -26.84
C GLU A 114 12.31 25.88 -25.46
N ARG A 115 11.82 27.11 -25.39
CA ARG A 115 11.72 27.77 -24.10
C ARG A 115 10.71 27.04 -23.22
N ALA A 116 9.63 26.55 -23.82
CA ALA A 116 8.62 25.81 -23.04
C ALA A 116 9.29 24.53 -22.55
N PHE A 117 10.11 23.91 -23.40
CA PHE A 117 10.81 22.69 -23.02
C PHE A 117 11.70 22.90 -21.80
N LYS A 118 12.53 23.93 -21.84
CA LYS A 118 13.39 24.21 -20.71
C LYS A 118 12.59 24.56 -19.45
N LEU A 119 11.43 25.19 -19.63
CA LEU A 119 10.60 25.54 -18.49
C LEU A 119 10.11 24.28 -17.74
N THR A 120 9.75 23.24 -18.47
CA THR A 120 9.27 22.00 -17.85
C THR A 120 10.33 21.37 -16.94
N ARG A 121 11.60 21.55 -17.28
CA ARG A 121 12.67 21.01 -16.45
C ARG A 121 12.57 21.66 -15.05
N ASP A 122 12.31 22.96 -15.01
CA ASP A 122 12.18 23.68 -13.73
C ASP A 122 10.92 23.32 -12.99
N ALA A 123 9.82 23.18 -13.73
CA ALA A 123 8.55 22.82 -13.14
C ALA A 123 8.68 21.42 -12.51
N ILE A 124 9.44 20.56 -13.17
CA ILE A 124 9.68 19.21 -12.68
C ILE A 124 10.56 19.24 -11.45
N GLU A 125 11.61 20.04 -11.48
CA GLU A 125 12.45 20.07 -10.30
C GLU A 125 11.69 20.63 -9.10
N LEU A 126 10.72 21.50 -9.34
CA LEU A 126 9.91 22.06 -8.26
C LEU A 126 8.91 21.05 -7.70
N ASN A 127 8.38 20.19 -8.56
CA ASN A 127 7.44 19.15 -8.14
C ASN A 127 7.49 18.02 -9.17
N ALA A 128 8.43 17.10 -8.98
CA ALA A 128 8.62 15.98 -9.89
C ALA A 128 7.42 15.07 -9.95
N ALA A 129 6.46 15.25 -9.05
CA ALA A 129 5.23 14.45 -9.04
C ALA A 129 4.16 15.09 -9.91
N ASN A 130 4.43 16.23 -10.52
CA ASN A 130 3.42 16.84 -11.36
C ASN A 130 3.31 16.10 -12.71
N TYR A 131 2.43 15.11 -12.78
CA TYR A 131 2.25 14.31 -14.00
C TYR A 131 1.83 15.12 -15.24
N THR A 132 1.10 16.22 -15.04
CA THR A 132 0.67 17.06 -16.16
C THR A 132 1.89 17.67 -16.84
N VAL A 133 2.88 18.07 -16.04
CA VAL A 133 4.11 18.63 -16.59
C VAL A 133 4.87 17.55 -17.38
N TRP A 134 4.98 16.35 -16.82
CA TRP A 134 5.66 15.27 -17.52
C TRP A 134 5.00 14.94 -18.87
N HIS A 135 3.67 14.97 -18.90
CA HIS A 135 2.95 14.70 -20.14
C HIS A 135 3.30 15.75 -21.19
N PHE A 136 3.23 17.02 -20.80
CA PHE A 136 3.54 18.10 -21.72
C PHE A 136 5.00 17.98 -22.18
N ARG A 137 5.88 17.58 -21.28
CA ARG A 137 7.28 17.43 -21.65
C ARG A 137 7.43 16.35 -22.72
N ARG A 138 6.67 15.27 -22.61
CA ARG A 138 6.75 14.22 -23.61
C ARG A 138 6.18 14.71 -24.94
N VAL A 139 5.16 15.56 -24.89
CA VAL A 139 4.60 16.14 -26.11
C VAL A 139 5.72 16.96 -26.79
N LEU A 140 6.43 17.77 -25.99
CA LEU A 140 7.53 18.59 -26.51
C LEU A 140 8.70 17.78 -27.07
N LEU A 141 9.02 16.65 -26.43
CA LEU A 141 10.12 15.81 -26.92
C LEU A 141 9.83 15.34 -28.35
N ARG A 142 8.57 14.99 -28.63
CA ARG A 142 8.19 14.55 -29.96
C ARG A 142 8.09 15.74 -30.94
N SER A 143 7.32 16.77 -30.60
CA SER A 143 7.18 17.93 -31.48
C SER A 143 8.49 18.61 -31.85
N LEU A 144 9.35 18.80 -30.88
CA LEU A 144 10.63 19.45 -31.10
C LEU A 144 11.71 18.51 -31.60
N GLN A 145 11.37 17.24 -31.79
CA GLN A 145 12.36 16.27 -32.25
C GLN A 145 13.62 16.31 -31.38
N LYS A 146 13.44 16.29 -30.07
CA LYS A 146 14.58 16.32 -29.16
C LYS A 146 15.34 14.99 -29.13
N ASP A 147 16.66 15.09 -28.97
CA ASP A 147 17.51 13.90 -28.91
C ASP A 147 17.11 13.10 -27.66
N LEU A 148 16.65 11.88 -27.85
CA LEU A 148 16.23 11.03 -26.74
C LEU A 148 17.35 10.49 -25.84
N GLN A 149 18.58 10.37 -26.34
CA GLN A 149 19.66 9.91 -25.46
C GLN A 149 20.01 11.03 -24.48
N GLU A 150 19.90 12.26 -24.95
CA GLU A 150 20.16 13.39 -24.09
C GLU A 150 19.09 13.35 -23.00
N GLU A 151 17.86 13.03 -23.39
CA GLU A 151 16.75 12.96 -22.45
C GLU A 151 16.96 11.81 -21.46
N MET A 152 17.61 10.73 -21.92
CA MET A 152 17.89 9.60 -21.05
C MET A 152 18.89 10.05 -20.00
N ASN A 153 19.85 10.87 -20.42
CA ASN A 153 20.85 11.38 -19.49
C ASN A 153 20.13 12.19 -18.42
N TYR A 154 19.17 12.99 -18.87
CA TYR A 154 18.39 13.80 -17.95
C TYR A 154 17.60 12.94 -16.94
N ILE A 155 16.81 11.99 -17.43
CA ILE A 155 16.01 11.17 -16.53
C ILE A 155 16.87 10.38 -15.54
N ILE A 156 18.05 9.95 -15.98
CA ILE A 156 18.95 9.22 -15.09
C ILE A 156 19.30 10.06 -13.87
N ALA A 157 19.59 11.34 -14.10
CA ALA A 157 19.95 12.26 -13.02
C ALA A 157 18.75 12.50 -12.13
N ILE A 158 17.59 12.75 -12.71
CA ILE A 158 16.37 12.99 -11.93
C ILE A 158 16.01 11.81 -11.02
N ILE A 159 16.05 10.60 -11.58
CA ILE A 159 15.72 9.41 -10.81
C ILE A 159 16.75 9.24 -9.70
N GLU A 160 18.03 9.50 -9.98
CA GLU A 160 19.06 9.36 -8.96
C GLU A 160 18.71 10.21 -7.75
N GLU A 161 18.19 11.41 -7.98
CA GLU A 161 17.84 12.30 -6.88
C GLU A 161 16.47 12.07 -6.24
N GLN A 162 15.50 11.54 -6.97
CA GLN A 162 14.14 11.30 -6.45
C GLN A 162 13.69 9.94 -6.95
N PRO A 163 14.31 8.88 -6.45
CA PRO A 163 13.99 7.51 -6.86
C PRO A 163 12.64 6.91 -6.45
N LYS A 164 11.96 7.52 -5.48
CA LYS A 164 10.66 7.02 -5.03
C LYS A 164 9.57 7.94 -5.59
N ASN A 165 9.43 7.90 -6.91
CA ASN A 165 8.48 8.74 -7.62
C ASN A 165 8.00 7.94 -8.83
N TYR A 166 6.68 7.91 -9.03
CA TYR A 166 6.09 7.17 -10.13
C TYR A 166 6.36 7.76 -11.52
N GLN A 167 6.29 9.10 -11.60
CA GLN A 167 6.46 9.75 -12.89
C GLN A 167 7.81 9.59 -13.53
N VAL A 168 8.89 9.64 -12.75
CA VAL A 168 10.23 9.54 -13.29
C VAL A 168 10.51 8.16 -13.87
N TRP A 169 10.02 7.12 -13.23
CA TRP A 169 10.24 5.78 -13.73
C TRP A 169 9.39 5.56 -14.97
N HIS A 170 8.16 6.07 -14.96
CA HIS A 170 7.33 5.90 -16.14
C HIS A 170 7.94 6.63 -17.33
N HIS A 171 8.49 7.82 -17.08
CA HIS A 171 9.12 8.59 -18.15
C HIS A 171 10.30 7.81 -18.75
N ARG A 172 11.14 7.23 -17.90
CA ARG A 172 12.29 6.45 -18.38
C ARG A 172 11.83 5.26 -19.23
N ARG A 173 10.74 4.64 -18.80
CA ARG A 173 10.19 3.50 -19.52
C ARG A 173 9.76 3.93 -20.93
N VAL A 174 9.03 5.02 -21.01
CA VAL A 174 8.58 5.54 -22.30
C VAL A 174 9.79 5.80 -23.22
N LEU A 175 10.87 6.34 -22.64
CA LEU A 175 12.09 6.63 -23.41
C LEU A 175 12.67 5.36 -23.96
N VAL A 176 12.80 4.34 -23.11
CA VAL A 176 13.34 3.04 -23.52
C VAL A 176 12.48 2.45 -24.63
N GLU A 177 11.17 2.55 -24.48
CA GLU A 177 10.25 2.04 -25.49
C GLU A 177 10.44 2.78 -26.80
N TRP A 178 10.52 4.10 -26.74
CA TRP A 178 10.71 4.92 -27.93
C TRP A 178 12.00 4.58 -28.67
N LEU A 179 13.09 4.43 -27.92
CA LEU A 179 14.40 4.10 -28.48
C LEU A 179 14.60 2.63 -28.77
N LYS A 180 13.75 1.78 -28.19
CA LYS A 180 13.86 0.32 -28.34
C LYS A 180 15.29 -0.04 -27.95
N ASP A 181 15.79 0.60 -26.89
CA ASP A 181 17.15 0.36 -26.44
C ASP A 181 17.21 0.14 -24.93
N PRO A 182 17.46 -1.11 -24.51
CA PRO A 182 17.54 -1.45 -23.09
C PRO A 182 18.97 -1.56 -22.60
N SER A 183 19.91 -1.21 -23.45
CA SER A 183 21.32 -1.36 -23.14
C SER A 183 21.86 -0.70 -21.88
N GLN A 184 21.22 0.36 -21.40
CA GLN A 184 21.72 1.04 -20.20
C GLN A 184 20.92 0.69 -18.94
N GLU A 185 19.83 -0.05 -19.12
CA GLU A 185 18.93 -0.34 -18.01
C GLU A 185 19.40 -1.13 -16.83
N LEU A 186 19.91 -2.33 -17.06
CA LEU A 186 20.33 -3.16 -15.94
C LEU A 186 21.40 -2.52 -15.10
N GLU A 187 22.32 -1.83 -15.75
CA GLU A 187 23.40 -1.16 -15.02
C GLU A 187 22.86 0.06 -14.28
N PHE A 188 21.97 0.82 -14.92
CA PHE A 188 21.39 1.98 -14.27
C PHE A 188 20.65 1.55 -13.01
N ILE A 189 19.73 0.62 -13.17
CA ILE A 189 18.92 0.09 -12.06
C ILE A 189 19.82 -0.46 -10.94
N ALA A 190 20.88 -1.17 -11.32
CA ALA A 190 21.81 -1.71 -10.34
C ALA A 190 22.40 -0.56 -9.51
N ASP A 191 22.65 0.59 -10.14
CA ASP A 191 23.20 1.69 -9.37
C ASP A 191 22.19 2.21 -8.36
N ILE A 192 20.92 2.28 -8.75
CA ILE A 192 19.88 2.74 -7.84
C ILE A 192 19.72 1.74 -6.71
N LEU A 193 19.71 0.46 -7.07
CA LEU A 193 19.55 -0.60 -6.10
C LEU A 193 20.74 -0.67 -5.17
N ASN A 194 21.85 -0.06 -5.56
CA ASN A 194 23.03 -0.03 -4.72
C ASN A 194 22.85 1.03 -3.62
N GLN A 195 21.92 1.95 -3.82
CA GLN A 195 21.64 2.98 -2.82
C GLN A 195 20.43 2.58 -1.95
N ASP A 196 19.47 1.88 -2.55
CA ASP A 196 18.29 1.37 -1.84
C ASP A 196 17.99 0.03 -2.53
N ALA A 197 18.47 -1.05 -1.92
CA ALA A 197 18.31 -2.38 -2.49
C ALA A 197 16.87 -2.86 -2.53
N LYS A 198 15.94 -2.08 -1.99
CA LYS A 198 14.56 -2.47 -1.98
C LYS A 198 13.62 -1.50 -2.70
N ASN A 199 14.19 -0.58 -3.47
CA ASN A 199 13.36 0.40 -4.19
C ASN A 199 12.38 -0.34 -5.10
N TYR A 200 11.11 -0.24 -4.75
CA TYR A 200 10.02 -0.90 -5.45
C TYR A 200 9.93 -0.58 -6.93
N HIS A 201 10.05 0.69 -7.29
CA HIS A 201 9.95 1.11 -8.68
C HIS A 201 11.13 0.56 -9.47
N ALA A 202 12.30 0.55 -8.85
CA ALA A 202 13.52 0.06 -9.47
C ALA A 202 13.34 -1.40 -9.82
N TRP A 203 12.90 -2.21 -8.86
CA TRP A 203 12.67 -3.64 -9.12
C TRP A 203 11.62 -3.88 -10.19
N GLN A 204 10.54 -3.08 -10.17
CA GLN A 204 9.47 -3.22 -11.14
C GLN A 204 9.93 -2.86 -12.56
N HIS A 205 10.74 -1.81 -12.66
CA HIS A 205 11.27 -1.39 -13.95
C HIS A 205 12.21 -2.49 -14.46
N ARG A 206 13.01 -3.04 -13.55
CA ARG A 206 13.95 -4.10 -13.88
C ARG A 206 13.23 -5.34 -14.43
N GLN A 207 12.11 -5.72 -13.82
CA GLN A 207 11.36 -6.87 -14.30
C GLN A 207 10.82 -6.57 -15.69
N TRP A 208 10.32 -5.36 -15.89
CA TRP A 208 9.78 -5.00 -17.19
C TRP A 208 10.85 -5.09 -18.28
N VAL A 209 12.02 -4.49 -18.03
CA VAL A 209 13.10 -4.51 -19.00
C VAL A 209 13.51 -5.94 -19.33
N ILE A 210 13.76 -6.74 -18.30
CA ILE A 210 14.17 -8.11 -18.46
C ILE A 210 13.16 -8.93 -19.27
N GLN A 211 11.90 -8.83 -18.91
CA GLN A 211 10.86 -9.56 -19.59
C GLN A 211 10.65 -9.08 -21.03
N GLU A 212 10.46 -7.78 -21.21
CA GLU A 212 10.24 -7.22 -22.54
C GLU A 212 11.36 -7.43 -23.54
N PHE A 213 12.59 -7.34 -23.06
CA PHE A 213 13.76 -7.49 -23.92
C PHE A 213 14.46 -8.83 -23.75
N ARG A 214 13.86 -9.73 -22.99
CA ARG A 214 14.43 -11.05 -22.76
C ARG A 214 15.89 -11.00 -22.30
N LEU A 215 16.17 -10.26 -21.23
CA LEU A 215 17.54 -10.14 -20.70
C LEU A 215 17.69 -10.97 -19.43
N TRP A 216 17.31 -12.24 -19.52
CA TRP A 216 17.34 -13.18 -18.40
C TRP A 216 18.71 -13.76 -18.04
N ASP A 217 19.56 -13.88 -19.04
CA ASP A 217 20.88 -14.49 -18.88
C ASP A 217 21.71 -14.27 -17.62
N ASN A 218 21.78 -13.05 -17.10
CA ASN A 218 22.61 -12.82 -15.92
C ASN A 218 21.89 -12.47 -14.64
N GLU A 219 20.56 -12.45 -14.67
CA GLU A 219 19.81 -12.06 -13.48
C GLU A 219 19.93 -12.94 -12.25
N LEU A 220 20.01 -14.25 -12.42
CA LEU A 220 20.11 -15.13 -11.26
C LEU A 220 21.43 -14.87 -10.56
N GLN A 221 22.46 -14.56 -11.34
CA GLN A 221 23.77 -14.26 -10.79
C GLN A 221 23.65 -12.96 -9.98
N TYR A 222 22.92 -11.98 -10.51
CA TYR A 222 22.73 -10.71 -9.82
C TYR A 222 21.97 -10.94 -8.50
N VAL A 223 20.95 -11.79 -8.55
CA VAL A 223 20.16 -12.13 -7.37
C VAL A 223 21.07 -12.75 -6.31
N ASP A 224 21.91 -13.70 -6.72
CA ASP A 224 22.82 -14.36 -5.79
C ASP A 224 23.73 -13.36 -5.13
N GLN A 225 24.19 -12.38 -5.91
CA GLN A 225 25.06 -11.33 -5.40
C GLN A 225 24.36 -10.51 -4.31
N LEU A 226 23.13 -10.06 -4.58
CA LEU A 226 22.41 -9.27 -3.60
C LEU A 226 22.00 -10.06 -2.38
N LEU A 227 21.69 -11.35 -2.57
CA LEU A 227 21.30 -12.20 -1.45
C LEU A 227 22.51 -12.40 -0.53
N LYS A 228 23.70 -12.36 -1.10
CA LYS A 228 24.92 -12.49 -0.32
C LYS A 228 25.09 -11.22 0.52
N GLU A 229 24.82 -10.06 -0.08
CA GLU A 229 24.93 -8.80 0.64
C GLU A 229 23.90 -8.70 1.77
N ASP A 230 22.67 -9.14 1.50
CA ASP A 230 21.61 -9.10 2.50
C ASP A 230 20.59 -10.20 2.20
N VAL A 231 20.80 -11.35 2.85
CA VAL A 231 19.94 -12.52 2.67
C VAL A 231 18.51 -12.27 3.13
N ARG A 232 18.30 -11.14 3.82
CA ARG A 232 16.98 -10.78 4.32
C ARG A 232 16.23 -9.88 3.34
N ASN A 233 16.85 -9.55 2.21
CA ASN A 233 16.20 -8.67 1.23
C ASN A 233 15.09 -9.40 0.50
N ASN A 234 13.85 -9.14 0.92
CA ASN A 234 12.69 -9.78 0.32
C ASN A 234 12.50 -9.45 -1.15
N SER A 235 12.95 -8.28 -1.58
CA SER A 235 12.83 -7.90 -2.98
C SER A 235 13.69 -8.83 -3.85
N VAL A 236 14.82 -9.28 -3.30
CA VAL A 236 15.72 -10.16 -4.01
C VAL A 236 15.17 -11.59 -4.10
N TRP A 237 14.47 -12.03 -3.04
CA TRP A 237 13.85 -13.36 -3.06
C TRP A 237 12.72 -13.33 -4.09
N ASN A 238 12.01 -12.21 -4.15
CA ASN A 238 10.96 -12.09 -5.12
C ASN A 238 11.54 -12.10 -6.53
N GLN A 239 12.69 -11.45 -6.72
CA GLN A 239 13.33 -11.43 -8.05
C GLN A 239 13.80 -12.84 -8.40
N ARG A 240 14.27 -13.56 -7.39
CA ARG A 240 14.74 -14.94 -7.58
C ARG A 240 13.58 -15.78 -8.13
N HIS A 241 12.41 -15.62 -7.53
CA HIS A 241 11.27 -16.36 -7.99
C HIS A 241 10.88 -15.94 -9.40
N PHE A 242 11.00 -14.65 -9.67
CA PHE A 242 10.64 -14.10 -10.97
C PHE A 242 11.51 -14.72 -12.05
N VAL A 243 12.83 -14.68 -11.85
CA VAL A 243 13.76 -15.26 -12.82
C VAL A 243 13.54 -16.74 -13.06
N ILE A 244 13.47 -17.52 -11.98
CA ILE A 244 13.30 -18.94 -12.12
C ILE A 244 11.99 -19.34 -12.77
N SER A 245 10.88 -18.76 -12.33
CA SER A 245 9.62 -19.15 -12.93
C SER A 245 9.50 -18.78 -14.40
N ASN A 246 10.24 -17.78 -14.86
CA ASN A 246 10.14 -17.39 -16.27
C ASN A 246 11.20 -18.01 -17.15
N THR A 247 12.10 -18.77 -16.56
CA THR A 247 13.15 -19.43 -17.32
C THR A 247 12.94 -20.95 -17.28
N THR A 248 13.51 -21.63 -16.29
CA THR A 248 13.36 -23.07 -16.18
C THR A 248 12.03 -23.51 -15.57
N GLY A 249 11.47 -22.68 -14.71
CA GLY A 249 10.24 -23.04 -14.05
C GLY A 249 10.68 -23.88 -12.86
N TYR A 250 9.74 -24.21 -11.97
CA TYR A 250 10.05 -25.02 -10.79
C TYR A 250 9.62 -26.50 -10.90
N SER A 251 9.04 -26.88 -12.05
CA SER A 251 8.60 -28.25 -12.28
C SER A 251 9.80 -29.16 -12.46
N ASP A 252 10.84 -28.61 -13.09
CA ASP A 252 12.07 -29.34 -13.29
C ASP A 252 12.58 -29.74 -11.89
N ARG A 253 12.50 -31.03 -11.59
CA ARG A 253 12.92 -31.56 -10.30
C ARG A 253 14.33 -31.18 -9.88
N ALA A 254 15.25 -31.10 -10.83
CA ALA A 254 16.61 -30.72 -10.47
C ALA A 254 16.64 -29.28 -9.95
N VAL A 255 15.87 -28.40 -10.59
CA VAL A 255 15.82 -26.99 -10.19
C VAL A 255 15.16 -26.85 -8.82
N LEU A 256 13.97 -27.42 -8.66
CA LEU A 256 13.26 -27.37 -7.38
C LEU A 256 14.17 -27.85 -6.24
N GLU A 257 14.81 -29.00 -6.47
CA GLU A 257 15.70 -29.62 -5.50
C GLU A 257 16.79 -28.62 -5.10
N ARG A 258 17.44 -28.03 -6.09
CA ARG A 258 18.50 -27.06 -5.89
C ARG A 258 18.01 -25.90 -5.03
N GLU A 259 16.82 -25.41 -5.39
CA GLU A 259 16.22 -24.28 -4.69
C GLU A 259 15.96 -24.55 -3.24
N VAL A 260 15.35 -25.71 -2.97
CA VAL A 260 15.02 -26.09 -1.61
C VAL A 260 16.29 -26.31 -0.80
N GLN A 261 17.31 -26.90 -1.41
CA GLN A 261 18.58 -27.13 -0.71
C GLN A 261 19.15 -25.79 -0.29
N TYR A 262 19.19 -24.87 -1.26
CA TYR A 262 19.70 -23.54 -1.05
C TYR A 262 18.95 -22.80 0.06
N THR A 263 17.62 -22.83 -0.01
CA THR A 263 16.78 -22.15 0.96
C THR A 263 16.97 -22.75 2.36
N LEU A 264 16.97 -24.08 2.46
CA LEU A 264 17.18 -24.74 3.75
C LEU A 264 18.53 -24.37 4.32
N GLU A 265 19.51 -24.19 3.46
CA GLU A 265 20.84 -23.81 3.89
C GLU A 265 20.84 -22.38 4.44
N MET A 266 20.11 -21.48 3.79
CA MET A 266 20.02 -20.10 4.22
C MET A 266 19.27 -20.07 5.55
N ILE A 267 18.22 -20.87 5.65
CA ILE A 267 17.45 -20.97 6.88
C ILE A 267 18.35 -21.41 8.04
N LYS A 268 19.26 -22.34 7.79
CA LYS A 268 20.16 -22.80 8.86
C LYS A 268 21.08 -21.66 9.30
N LEU A 269 21.60 -20.90 8.34
CA LEU A 269 22.48 -19.79 8.64
C LEU A 269 21.78 -18.63 9.39
N VAL A 270 20.52 -18.38 9.06
CA VAL A 270 19.76 -17.30 9.71
C VAL A 270 18.34 -17.82 9.94
N PRO A 271 18.17 -18.71 10.93
CA PRO A 271 16.85 -19.29 11.24
C PRO A 271 15.67 -18.34 11.42
N HIS A 272 15.93 -17.08 11.77
CA HIS A 272 14.86 -16.11 11.97
C HIS A 272 14.57 -15.18 10.79
N ASN A 273 15.19 -15.45 9.64
CA ASN A 273 14.94 -14.63 8.48
C ASN A 273 13.65 -15.12 7.83
N GLU A 274 12.56 -14.38 8.02
CA GLU A 274 11.26 -14.75 7.46
C GLU A 274 11.22 -14.93 5.93
N SER A 275 12.05 -14.21 5.20
CA SER A 275 12.03 -14.31 3.73
C SER A 275 12.35 -15.72 3.19
N ALA A 276 13.41 -16.34 3.70
CA ALA A 276 13.79 -17.68 3.26
C ALA A 276 12.64 -18.64 3.53
N TRP A 277 12.00 -18.44 4.68
CA TRP A 277 10.85 -19.29 5.05
C TRP A 277 9.68 -19.12 4.09
N ASN A 278 9.37 -17.88 3.74
CA ASN A 278 8.27 -17.61 2.82
C ASN A 278 8.56 -18.14 1.42
N TYR A 279 9.82 -18.07 1.00
CA TYR A 279 10.22 -18.56 -0.30
C TYR A 279 10.08 -20.07 -0.36
N LEU A 280 10.60 -20.75 0.66
CA LEU A 280 10.51 -22.22 0.76
C LEU A 280 9.05 -22.65 0.67
N LYS A 281 8.18 -22.01 1.44
CA LYS A 281 6.77 -22.34 1.39
C LYS A 281 6.21 -21.94 0.04
N GLY A 282 6.65 -20.80 -0.48
CA GLY A 282 6.16 -20.31 -1.75
C GLY A 282 6.35 -21.26 -2.90
N ILE A 283 7.53 -21.87 -2.98
CA ILE A 283 7.83 -22.79 -4.07
C ILE A 283 7.30 -24.23 -3.91
N LEU A 284 6.95 -24.63 -2.71
CA LEU A 284 6.44 -26.00 -2.47
C LEU A 284 4.94 -26.10 -2.28
N GLN A 285 4.33 -25.05 -1.75
CA GLN A 285 2.91 -25.05 -1.46
C GLN A 285 2.00 -25.27 -2.65
N ASP A 286 2.49 -24.93 -3.84
CA ASP A 286 1.68 -25.10 -5.03
C ASP A 286 1.36 -26.56 -5.31
N ARG A 287 2.39 -27.40 -5.31
CA ARG A 287 2.20 -28.83 -5.54
C ARG A 287 1.61 -29.53 -4.31
N GLY A 288 1.69 -28.88 -3.15
CA GLY A 288 1.17 -29.43 -1.93
C GLY A 288 2.32 -29.84 -1.02
N LEU A 289 2.37 -29.32 0.21
CA LEU A 289 3.46 -29.64 1.12
C LEU A 289 3.57 -31.14 1.47
N SER A 290 2.43 -31.82 1.57
CA SER A 290 2.40 -33.24 1.90
C SER A 290 3.05 -34.11 0.81
N ARG A 291 3.08 -33.61 -0.41
CA ARG A 291 3.66 -34.32 -1.54
C ARG A 291 5.17 -34.54 -1.30
N TYR A 292 5.75 -33.86 -0.31
CA TYR A 292 7.19 -34.01 -0.01
C TYR A 292 7.38 -34.56 1.40
N PRO A 293 7.29 -35.89 1.57
CA PRO A 293 7.45 -36.60 2.84
C PRO A 293 8.70 -36.29 3.68
N ASN A 294 9.87 -36.16 3.06
CA ASN A 294 11.10 -35.87 3.80
C ASN A 294 11.17 -34.50 4.45
N LEU A 295 10.40 -33.56 3.89
CA LEU A 295 10.38 -32.19 4.37
C LEU A 295 10.11 -32.09 5.88
N LEU A 296 8.97 -32.66 6.30
CA LEU A 296 8.55 -32.68 7.69
C LEU A 296 9.64 -33.15 8.64
N ASN A 297 10.18 -34.33 8.37
CA ASN A 297 11.23 -34.91 9.21
C ASN A 297 12.37 -33.91 9.33
N GLN A 298 12.85 -33.46 8.18
CA GLN A 298 13.97 -32.53 8.13
C GLN A 298 13.72 -31.24 8.92
N LEU A 299 12.48 -30.77 8.94
CA LEU A 299 12.16 -29.57 9.68
C LEU A 299 12.19 -29.86 11.17
N LEU A 300 11.65 -31.02 11.55
CA LEU A 300 11.65 -31.41 12.96
C LEU A 300 13.10 -31.47 13.44
N ASP A 301 14.03 -31.81 12.56
CA ASP A 301 15.44 -31.90 12.91
C ASP A 301 16.07 -30.56 13.27
N LEU A 302 15.49 -29.48 12.77
CA LEU A 302 16.02 -28.16 13.09
C LEU A 302 15.45 -27.67 14.42
N GLN A 303 14.29 -28.21 14.81
CA GLN A 303 13.60 -27.87 16.05
C GLN A 303 14.49 -27.55 17.24
N PRO A 304 15.45 -28.43 17.55
CA PRO A 304 16.35 -28.19 18.69
C PRO A 304 17.19 -26.93 18.60
N SER A 305 18.08 -26.87 17.61
CA SER A 305 19.01 -25.76 17.47
C SER A 305 18.71 -24.68 16.42
N HIS A 306 17.49 -24.66 15.88
CA HIS A 306 17.13 -23.67 14.85
C HIS A 306 15.65 -23.34 14.87
N SER A 307 15.01 -23.42 16.03
CA SER A 307 13.58 -23.13 16.12
C SER A 307 13.29 -21.64 15.92
N SER A 308 12.03 -21.35 15.63
CA SER A 308 11.55 -20.01 15.42
C SER A 308 10.05 -20.15 15.24
N PRO A 309 9.30 -19.05 15.37
CA PRO A 309 7.85 -19.18 15.19
C PRO A 309 7.59 -19.63 13.75
N TYR A 310 8.59 -19.40 12.89
CA TYR A 310 8.50 -19.75 11.48
C TYR A 310 8.53 -21.25 11.28
N LEU A 311 9.50 -21.92 11.89
CA LEU A 311 9.63 -23.37 11.80
C LEU A 311 8.33 -24.02 12.25
N ILE A 312 7.81 -23.54 13.39
CA ILE A 312 6.57 -24.07 13.96
C ILE A 312 5.37 -23.81 13.07
N ALA A 313 5.30 -22.61 12.49
CA ALA A 313 4.19 -22.25 11.61
C ALA A 313 4.20 -23.16 10.37
N PHE A 314 5.39 -23.44 9.87
CA PHE A 314 5.56 -24.28 8.69
C PHE A 314 5.06 -25.69 8.98
N LEU A 315 5.43 -26.21 10.17
CA LEU A 315 4.99 -27.56 10.59
C LEU A 315 3.48 -27.61 10.53
N VAL A 316 2.81 -26.57 11.00
CA VAL A 316 1.36 -26.52 10.98
C VAL A 316 0.85 -26.54 9.53
N ASP A 317 1.58 -25.91 8.62
CA ASP A 317 1.18 -25.88 7.22
C ASP A 317 1.29 -27.28 6.62
N ILE A 318 2.35 -28.00 7.00
CA ILE A 318 2.56 -29.37 6.53
C ILE A 318 1.43 -30.27 7.05
N TYR A 319 1.13 -30.20 8.36
CA TYR A 319 0.06 -31.01 8.94
C TYR A 319 -1.27 -30.69 8.28
N GLU A 320 -1.52 -29.41 8.13
CA GLU A 320 -2.76 -28.92 7.51
C GLU A 320 -2.98 -29.57 6.14
N ASP A 321 -1.92 -29.66 5.34
CA ASP A 321 -2.03 -30.24 4.00
C ASP A 321 -2.12 -31.75 4.09
N MET A 322 -1.39 -32.35 5.04
CA MET A 322 -1.42 -33.81 5.23
C MET A 322 -2.85 -34.21 5.50
N LEU A 323 -3.47 -33.52 6.43
CA LEU A 323 -4.86 -33.77 6.81
C LEU A 323 -5.81 -33.52 5.64
N GLU A 324 -5.37 -32.68 4.70
CA GLU A 324 -6.16 -32.33 3.53
C GLU A 324 -6.07 -33.43 2.48
N ASN A 325 -4.98 -34.17 2.50
CA ASN A 325 -4.79 -35.25 1.53
C ASN A 325 -4.85 -36.61 2.22
N GLN A 326 -5.78 -36.70 3.18
CA GLN A 326 -6.04 -37.91 3.96
C GLN A 326 -4.81 -38.75 4.26
N CYS A 327 -4.00 -38.25 5.18
CA CYS A 327 -2.76 -38.91 5.60
C CYS A 327 -3.08 -39.98 6.62
N ASP A 328 -2.07 -40.78 6.94
CA ASP A 328 -2.21 -41.85 7.92
C ASP A 328 -2.24 -41.21 9.32
N ASN A 329 -2.91 -41.85 10.27
CA ASN A 329 -2.99 -41.32 11.64
C ASN A 329 -3.60 -39.93 11.64
N LYS A 330 -4.69 -39.75 10.89
CA LYS A 330 -5.37 -38.47 10.82
C LYS A 330 -5.47 -37.85 12.21
N GLU A 331 -5.78 -38.70 13.19
CA GLU A 331 -5.92 -38.32 14.59
C GLU A 331 -4.65 -37.72 15.18
N ASP A 332 -3.58 -38.49 15.13
CA ASP A 332 -2.29 -38.09 15.66
C ASP A 332 -1.80 -36.75 15.07
N ILE A 333 -2.00 -36.58 13.76
CA ILE A 333 -1.59 -35.38 13.04
C ILE A 333 -2.38 -34.15 13.47
N LEU A 334 -3.68 -34.28 13.51
CA LEU A 334 -4.54 -33.19 13.94
C LEU A 334 -4.13 -32.66 15.33
N ASN A 335 -3.88 -33.55 16.27
CA ASN A 335 -3.51 -33.16 17.63
C ASN A 335 -2.18 -32.44 17.65
N LYS A 336 -1.21 -32.97 16.90
CA LYS A 336 0.10 -32.35 16.82
C LYS A 336 -0.09 -30.89 16.37
N ALA A 337 -0.96 -30.72 15.37
CA ALA A 337 -1.25 -29.41 14.80
C ALA A 337 -1.92 -28.45 15.78
N LEU A 338 -2.99 -28.89 16.43
CA LEU A 338 -3.69 -28.04 17.40
C LEU A 338 -2.78 -27.65 18.56
N GLU A 339 -1.83 -28.51 18.87
CA GLU A 339 -0.88 -28.25 19.95
C GLU A 339 0.06 -27.12 19.55
N LEU A 340 0.52 -27.16 18.30
CA LEU A 340 1.41 -26.11 17.78
C LEU A 340 0.66 -24.80 17.66
N CYS A 341 -0.59 -24.86 17.21
CA CYS A 341 -1.42 -23.67 17.09
C CYS A 341 -1.59 -22.99 18.43
N GLU A 342 -1.73 -23.80 19.47
CA GLU A 342 -1.89 -23.28 20.82
C GLU A 342 -0.58 -22.67 21.30
N ILE A 343 0.52 -23.39 21.12
CA ILE A 343 1.84 -22.89 21.51
C ILE A 343 2.12 -21.55 20.83
N LEU A 344 1.69 -21.43 19.58
CA LEU A 344 1.89 -20.21 18.81
C LEU A 344 1.01 -19.05 19.33
N ALA A 345 -0.30 -19.28 19.40
CA ALA A 345 -1.25 -18.27 19.89
C ALA A 345 -1.04 -17.87 21.34
N LYS A 346 -0.46 -18.78 22.12
CA LYS A 346 -0.26 -18.56 23.54
C LYS A 346 1.12 -18.15 23.96
N GLU A 347 2.14 -18.64 23.27
CA GLU A 347 3.48 -18.31 23.69
C GLU A 347 4.48 -17.85 22.63
N LYS A 348 4.68 -18.66 21.60
CA LYS A 348 5.65 -18.37 20.54
C LYS A 348 5.29 -17.30 19.49
N ASP A 349 4.01 -16.98 19.32
CA ASP A 349 3.61 -16.00 18.32
C ASP A 349 2.26 -15.35 18.63
N THR A 350 2.17 -14.73 19.81
CA THR A 350 0.93 -14.10 20.28
C THR A 350 0.36 -12.92 19.50
N ILE A 351 1.20 -12.23 18.73
CA ILE A 351 0.73 -11.08 17.95
C ILE A 351 -0.30 -11.60 16.94
N ARG A 352 -0.13 -12.87 16.56
CA ARG A 352 -1.03 -13.55 15.62
C ARG A 352 -1.99 -14.54 16.30
N LYS A 353 -2.29 -14.31 17.57
CA LYS A 353 -3.19 -15.19 18.32
C LYS A 353 -4.55 -15.40 17.66
N GLU A 354 -5.14 -14.35 17.08
CA GLU A 354 -6.45 -14.49 16.42
C GLU A 354 -6.37 -15.37 15.16
N TYR A 355 -5.23 -15.34 14.49
CA TYR A 355 -5.05 -16.14 13.30
C TYR A 355 -4.85 -17.60 13.71
N TRP A 356 -3.92 -17.82 14.64
CA TRP A 356 -3.63 -19.15 15.12
C TRP A 356 -4.86 -19.84 15.74
N ARG A 357 -5.66 -19.10 16.49
CA ARG A 357 -6.88 -19.65 17.08
C ARG A 357 -7.83 -20.09 15.95
N TYR A 358 -7.92 -19.27 14.91
CA TYR A 358 -8.76 -19.56 13.75
C TYR A 358 -8.28 -20.83 13.02
N ILE A 359 -6.96 -20.96 12.82
CA ILE A 359 -6.40 -22.13 12.15
C ILE A 359 -6.77 -23.37 12.99
N GLY A 360 -6.54 -23.26 14.30
CA GLY A 360 -6.87 -24.35 15.21
C GLY A 360 -8.33 -24.74 15.09
N ARG A 361 -9.24 -23.78 15.08
CA ARG A 361 -10.66 -24.05 14.95
C ARG A 361 -11.00 -24.62 13.58
N SER A 362 -10.32 -24.16 12.54
CA SER A 362 -10.55 -24.64 11.18
C SER A 362 -10.17 -26.11 11.01
N LEU A 363 -8.99 -26.48 11.53
CA LEU A 363 -8.50 -27.85 11.45
C LEU A 363 -9.45 -28.76 12.23
N GLN A 364 -9.75 -28.36 13.45
CA GLN A 364 -10.66 -29.09 14.33
C GLN A 364 -12.01 -29.25 13.62
N SER A 365 -12.51 -28.15 13.07
CA SER A 365 -13.79 -28.13 12.37
C SER A 365 -13.93 -29.12 11.24
N LYS A 366 -12.83 -29.54 10.63
CA LYS A 366 -12.95 -30.47 9.52
C LYS A 366 -12.07 -31.71 9.54
N HIS A 367 -11.32 -31.91 10.62
CA HIS A 367 -10.44 -33.08 10.69
C HIS A 367 -10.54 -33.89 11.99
N SER A 368 -11.40 -33.46 12.91
CA SER A 368 -11.59 -34.20 14.16
C SER A 368 -12.27 -35.53 13.82
N ARG A 369 -12.03 -36.57 14.62
CA ARG A 369 -12.63 -37.88 14.32
C ARG A 369 -14.16 -37.80 14.15
N GLU A 370 -14.76 -36.81 14.81
CA GLU A 370 -16.21 -36.59 14.75
C GLU A 370 -16.65 -35.82 13.50
N SER A 371 -15.74 -35.07 12.89
CA SER A 371 -16.02 -34.26 11.70
C SER A 371 -16.81 -34.94 10.57
N ASP A 372 -16.62 -36.24 10.39
CA ASP A 372 -17.33 -36.98 9.34
C ASP A 372 -18.50 -37.81 9.90
N ILE A 373 -18.62 -37.84 11.23
CA ILE A 373 -19.65 -38.62 11.91
C ILE A 373 -21.02 -37.91 11.96
N PRO A 374 -22.09 -38.59 11.51
CA PRO A 374 -23.45 -38.00 11.53
C PRO A 374 -23.95 -37.67 12.95
N ALA A 375 -24.64 -36.54 13.06
CA ALA A 375 -25.19 -36.02 14.33
C ALA A 375 -25.84 -37.01 15.31
N SER A 376 -26.59 -37.96 14.78
CA SER A 376 -27.31 -38.98 15.58
C SER A 376 -26.43 -40.00 16.31
N VAL A 377 -25.25 -40.29 15.76
CA VAL A 377 -24.31 -41.26 16.31
C VAL A 377 -23.92 -40.92 17.75
N PRO B 17 -4.82 -8.89 38.52
CA PRO B 17 -4.05 -8.68 39.77
C PRO B 17 -3.26 -7.36 39.72
N VAL B 18 -2.73 -6.93 40.88
CA VAL B 18 -1.98 -5.67 41.00
C VAL B 18 -0.70 -5.60 40.17
N TRP B 19 -0.03 -6.74 40.00
CA TRP B 19 1.20 -6.78 39.21
C TRP B 19 0.93 -6.83 37.70
N SER B 20 -0.32 -7.12 37.32
CA SER B 20 -0.72 -7.22 35.91
C SER B 20 -0.77 -5.91 35.14
N GLU B 21 -0.03 -5.86 34.04
CA GLU B 21 0.02 -4.68 33.16
C GLU B 21 -1.05 -4.86 32.06
N PRO B 22 -2.05 -3.95 32.00
CA PRO B 22 -3.09 -4.07 30.97
C PRO B 22 -2.61 -3.78 29.54
N LEU B 23 -1.52 -3.02 29.40
CA LEU B 23 -0.98 -2.70 28.09
C LEU B 23 -0.02 -3.78 27.60
N TYR B 24 -0.42 -4.44 26.51
CA TYR B 24 0.33 -5.52 25.88
C TYR B 24 1.82 -5.22 25.58
N SER B 25 2.10 -4.03 25.05
CA SER B 25 3.47 -3.66 24.71
C SER B 25 4.36 -3.45 25.92
N LEU B 26 3.74 -3.22 27.08
CA LEU B 26 4.49 -2.95 28.32
C LEU B 26 4.71 -4.17 29.22
N ARG B 27 4.08 -5.30 28.92
CA ARG B 27 4.26 -6.50 29.73
C ARG B 27 5.70 -6.97 29.62
N PRO B 28 6.24 -7.55 30.71
CA PRO B 28 7.62 -8.05 30.79
C PRO B 28 8.01 -9.02 29.67
N GLU B 29 7.08 -9.91 29.34
CA GLU B 29 7.30 -10.92 28.31
C GLU B 29 7.36 -10.30 26.92
N HIS B 30 6.78 -9.11 26.77
CA HIS B 30 6.80 -8.45 25.49
C HIS B 30 8.24 -8.25 25.03
N ALA B 31 9.16 -8.16 25.97
CA ALA B 31 10.59 -7.97 25.65
C ALA B 31 11.14 -9.13 24.84
N ARG B 32 10.48 -10.29 24.92
CA ARG B 32 10.92 -11.47 24.18
C ARG B 32 10.68 -11.32 22.67
N GLU B 33 9.80 -10.39 22.32
CA GLU B 33 9.45 -10.09 20.94
C GLU B 33 10.48 -9.24 20.18
N ARG B 34 11.59 -8.90 20.83
CA ARG B 34 12.64 -8.13 20.18
C ARG B 34 13.28 -9.01 19.14
N LEU B 35 13.85 -8.37 18.11
CA LEU B 35 14.48 -9.05 16.98
C LEU B 35 15.63 -9.98 17.37
N GLN B 36 15.65 -11.16 16.76
CA GLN B 36 16.73 -12.11 16.98
C GLN B 36 17.46 -12.12 15.65
N ASP B 37 18.60 -11.45 15.61
CA ASP B 37 19.38 -11.36 14.38
C ASP B 37 20.30 -12.55 14.08
N ASP B 38 20.24 -13.59 14.89
CA ASP B 38 21.06 -14.79 14.70
C ASP B 38 22.54 -14.46 14.56
N SER B 39 22.95 -13.31 15.08
CA SER B 39 24.33 -12.87 15.00
C SER B 39 24.84 -12.71 13.58
N VAL B 40 23.90 -12.54 12.66
CA VAL B 40 24.22 -12.30 11.26
C VAL B 40 23.61 -10.94 10.99
N GLU B 41 24.45 -9.93 10.97
CA GLU B 41 23.97 -8.58 10.72
C GLU B 41 23.94 -8.25 9.25
N THR B 42 22.81 -7.71 8.80
CA THR B 42 22.67 -7.25 7.42
C THR B 42 21.92 -5.93 7.56
N VAL B 43 21.90 -5.15 6.49
CA VAL B 43 21.21 -3.86 6.47
C VAL B 43 19.79 -3.97 7.03
N THR B 44 19.07 -5.01 6.62
CA THR B 44 17.72 -5.21 7.08
C THR B 44 17.63 -5.32 8.59
N SER B 45 18.44 -6.19 9.20
CA SER B 45 18.40 -6.38 10.66
C SER B 45 18.79 -5.11 11.41
N ILE B 46 19.83 -4.45 10.91
CA ILE B 46 20.33 -3.23 11.52
C ILE B 46 19.23 -2.17 11.55
N GLU B 47 18.53 -1.99 10.43
CA GLU B 47 17.44 -1.01 10.37
C GLU B 47 16.29 -1.37 11.29
N GLN B 48 15.93 -2.66 11.32
CA GLN B 48 14.84 -3.13 12.16
C GLN B 48 15.17 -2.90 13.63
N ALA B 49 16.41 -3.19 14.02
CA ALA B 49 16.86 -3.02 15.40
C ALA B 49 16.77 -1.57 15.83
N LYS B 50 17.19 -0.65 14.95
CA LYS B 50 17.12 0.79 15.25
C LYS B 50 15.68 1.21 15.60
N VAL B 51 14.72 0.74 14.80
CA VAL B 51 13.32 1.07 15.02
C VAL B 51 12.84 0.54 16.37
N GLU B 52 13.15 -0.73 16.64
CA GLU B 52 12.72 -1.35 17.88
C GLU B 52 13.30 -0.67 19.10
N GLU B 53 14.54 -0.22 18.99
CA GLU B 53 15.19 0.43 20.12
C GLU B 53 14.47 1.75 20.38
N LYS B 54 14.16 2.47 19.31
CA LYS B 54 13.48 3.74 19.40
C LYS B 54 12.08 3.55 20.01
N ILE B 55 11.39 2.50 19.58
CA ILE B 55 10.05 2.22 20.08
C ILE B 55 10.05 1.69 21.52
N GLN B 56 11.09 0.97 21.89
CA GLN B 56 11.21 0.46 23.24
C GLN B 56 11.28 1.66 24.20
N GLU B 57 11.98 2.72 23.78
CA GLU B 57 12.08 3.92 24.60
C GLU B 57 10.70 4.51 24.82
N VAL B 58 9.87 4.53 23.78
CA VAL B 58 8.51 5.07 23.92
C VAL B 58 7.74 4.23 24.92
N PHE B 59 7.82 2.90 24.78
CA PHE B 59 7.12 1.98 25.68
C PHE B 59 7.60 2.18 27.14
N SER B 60 8.91 2.17 27.35
CA SER B 60 9.52 2.35 28.67
C SER B 60 9.42 3.75 29.28
N SER B 61 9.04 4.75 28.48
CA SER B 61 8.99 6.13 28.98
C SER B 61 8.19 6.33 30.27
N TYR B 62 7.05 5.64 30.39
CA TYR B 62 6.20 5.78 31.57
C TYR B 62 6.89 5.26 32.84
N LYS B 63 7.55 4.13 32.68
CA LYS B 63 8.32 3.44 33.71
C LYS B 63 9.52 4.28 34.18
N PHE B 64 10.30 4.80 33.24
CA PHE B 64 11.47 5.61 33.61
C PHE B 64 11.09 6.94 34.26
N ASN B 65 9.89 7.42 33.92
CA ASN B 65 9.37 8.66 34.47
C ASN B 65 8.54 8.44 35.74
N HIS B 66 8.23 7.18 36.04
CA HIS B 66 7.44 6.82 37.23
C HIS B 66 6.06 7.44 37.16
N LEU B 67 5.38 7.19 36.04
CA LEU B 67 4.03 7.70 35.81
C LEU B 67 3.17 6.54 35.36
N VAL B 68 1.88 6.61 35.63
CA VAL B 68 0.96 5.57 35.18
C VAL B 68 0.63 5.90 33.71
N PRO B 69 0.87 4.93 32.79
CA PRO B 69 0.54 5.24 31.40
C PRO B 69 -0.94 5.49 31.15
N ARG B 70 -1.21 6.50 30.33
CA ARG B 70 -2.58 6.83 29.96
C ARG B 70 -2.57 7.10 28.45
N LEU B 71 -3.29 6.26 27.71
CA LEU B 71 -3.35 6.38 26.25
C LEU B 71 -4.51 7.27 25.86
N VAL B 72 -4.15 8.49 25.44
CA VAL B 72 -5.12 9.49 25.03
C VAL B 72 -4.94 9.91 23.57
N LEU B 73 -6.03 9.83 22.81
CA LEU B 73 -6.01 10.27 21.43
C LEU B 73 -6.17 11.80 21.54
N GLN B 74 -5.14 12.55 21.15
CA GLN B 74 -5.18 14.00 21.24
C GLN B 74 -6.15 14.70 20.28
N ARG B 75 -7.44 14.45 20.43
CA ARG B 75 -8.48 15.02 19.59
C ARG B 75 -8.44 16.51 19.31
N GLU B 76 -8.35 17.33 20.34
CA GLU B 76 -8.33 18.78 20.12
C GLU B 76 -7.18 19.19 19.23
N LYS B 77 -6.01 18.62 19.51
CA LYS B 77 -4.80 18.89 18.76
C LYS B 77 -4.96 18.48 17.31
N HIS B 78 -5.44 17.24 17.08
CA HIS B 78 -5.64 16.71 15.73
C HIS B 78 -6.67 17.56 14.99
N PHE B 79 -7.71 17.97 15.69
CA PHE B 79 -8.75 18.80 15.11
C PHE B 79 -8.21 20.15 14.61
N HIS B 80 -7.40 20.81 15.42
CA HIS B 80 -6.88 22.11 15.02
C HIS B 80 -6.05 21.99 13.76
N TYR B 81 -5.16 20.99 13.75
CA TYR B 81 -4.26 20.68 12.62
C TYR B 81 -5.08 20.49 11.34
N LEU B 82 -6.17 19.72 11.46
CA LEU B 82 -7.04 19.43 10.34
C LEU B 82 -7.84 20.62 9.85
N LYS B 83 -8.55 21.30 10.76
CA LYS B 83 -9.38 22.44 10.37
C LYS B 83 -8.58 23.53 9.65
N ARG B 84 -7.35 23.78 10.09
CA ARG B 84 -6.52 24.81 9.44
C ARG B 84 -6.04 24.32 8.07
N GLY B 85 -5.53 23.09 8.05
CA GLY B 85 -5.04 22.49 6.80
C GLY B 85 -6.11 22.42 5.73
N LEU B 86 -7.37 22.32 6.13
CA LEU B 86 -8.47 22.25 5.16
C LEU B 86 -8.56 23.55 4.37
N ARG B 87 -8.01 24.63 4.93
CA ARG B 87 -8.03 25.94 4.29
C ARG B 87 -6.71 26.37 3.70
N GLN B 88 -5.63 26.13 4.43
CA GLN B 88 -4.35 26.61 3.99
C GLN B 88 -3.20 25.72 4.40
N LEU B 89 -2.20 25.59 3.53
CA LEU B 89 -1.05 24.75 3.79
C LEU B 89 0.22 25.53 3.51
N THR B 90 1.29 25.18 4.22
CA THR B 90 2.57 25.85 4.03
C THR B 90 3.22 25.27 2.76
N ASP B 91 4.29 25.90 2.30
CA ASP B 91 4.96 25.43 1.10
C ASP B 91 5.58 24.04 1.30
N ALA B 92 5.41 23.50 2.50
CA ALA B 92 5.89 22.16 2.79
C ALA B 92 5.07 21.22 1.90
N TYR B 93 3.87 21.67 1.51
CA TYR B 93 3.00 20.88 0.69
C TYR B 93 3.11 21.10 -0.82
N GLU B 94 4.19 21.74 -1.26
CA GLU B 94 4.38 21.97 -2.70
C GLU B 94 4.51 20.63 -3.42
N CYS B 95 5.10 19.64 -2.75
CA CYS B 95 5.27 18.31 -3.31
C CYS B 95 3.93 17.61 -3.53
N LEU B 96 2.86 18.19 -2.99
CA LEU B 96 1.52 17.63 -3.15
C LEU B 96 0.62 18.55 -3.95
N ASP B 97 1.24 19.45 -4.71
CA ASP B 97 0.49 20.36 -5.55
C ASP B 97 -0.30 19.64 -6.66
N ALA B 98 0.07 18.40 -6.97
CA ALA B 98 -0.65 17.64 -7.97
C ALA B 98 -1.53 16.57 -7.27
N SER B 99 -1.87 16.82 -6.01
CA SER B 99 -2.68 15.89 -5.22
C SER B 99 -3.64 16.61 -4.29
N ARG B 100 -4.16 17.77 -4.69
CA ARG B 100 -5.04 18.49 -3.80
C ARG B 100 -6.34 17.81 -3.41
N PRO B 101 -6.96 17.04 -4.34
CA PRO B 101 -8.22 16.37 -3.93
C PRO B 101 -7.89 15.36 -2.85
N TRP B 102 -6.66 14.87 -2.81
CA TRP B 102 -6.28 13.92 -1.76
C TRP B 102 -6.22 14.68 -0.44
N LEU B 103 -5.72 15.92 -0.46
CA LEU B 103 -5.66 16.72 0.75
C LEU B 103 -7.07 16.94 1.26
N CYS B 104 -8.00 17.19 0.35
CA CYS B 104 -9.40 17.36 0.74
C CYS B 104 -9.90 16.07 1.37
N TYR B 105 -9.70 14.95 0.69
CA TYR B 105 -10.16 13.68 1.20
C TYR B 105 -9.54 13.28 2.54
N TRP B 106 -8.21 13.29 2.62
CA TRP B 106 -7.51 12.92 3.85
C TRP B 106 -8.01 13.71 5.06
N ILE B 107 -8.17 15.02 4.85
CA ILE B 107 -8.61 15.90 5.93
C ILE B 107 -10.08 15.69 6.31
N LEU B 108 -10.98 15.74 5.32
CA LEU B 108 -12.41 15.53 5.57
C LEU B 108 -12.67 14.17 6.20
N HIS B 109 -11.97 13.14 5.74
CA HIS B 109 -12.16 11.81 6.32
C HIS B 109 -11.64 11.79 7.76
N SER B 110 -10.51 12.44 8.02
CA SER B 110 -9.98 12.47 9.38
C SER B 110 -10.99 13.15 10.31
N LEU B 111 -11.58 14.24 9.84
CA LEU B 111 -12.58 14.99 10.60
C LEU B 111 -13.80 14.11 10.86
N GLU B 112 -14.22 13.38 9.83
CA GLU B 112 -15.36 12.47 9.93
C GLU B 112 -15.10 11.39 10.99
N LEU B 113 -13.88 10.84 10.98
CA LEU B 113 -13.52 9.81 11.95
C LEU B 113 -13.56 10.38 13.37
N LEU B 114 -13.14 11.63 13.51
CA LEU B 114 -13.12 12.31 14.80
C LEU B 114 -14.50 12.86 15.16
N ASP B 115 -15.47 12.61 14.29
CA ASP B 115 -16.82 13.05 14.50
C ASP B 115 -16.97 14.58 14.59
N GLU B 116 -16.17 15.29 13.81
CA GLU B 116 -16.22 16.75 13.77
C GLU B 116 -17.08 17.10 12.57
N PRO B 117 -18.07 17.98 12.77
CA PRO B 117 -18.95 18.37 11.66
C PRO B 117 -18.25 19.20 10.60
N ILE B 118 -18.73 19.06 9.36
CA ILE B 118 -18.17 19.82 8.25
C ILE B 118 -19.13 20.98 8.02
N PRO B 119 -18.70 22.21 8.36
CA PRO B 119 -19.53 23.39 8.19
C PRO B 119 -19.98 23.51 6.74
N GLN B 120 -21.23 23.91 6.53
CA GLN B 120 -21.73 24.07 5.18
C GLN B 120 -20.92 25.04 4.31
N ILE B 121 -20.27 26.01 4.94
CA ILE B 121 -19.43 26.97 4.21
C ILE B 121 -18.25 26.18 3.63
N VAL B 122 -17.66 25.34 4.46
CA VAL B 122 -16.53 24.50 4.08
C VAL B 122 -16.96 23.53 2.98
N ALA B 123 -18.03 22.79 3.23
CA ALA B 123 -18.54 21.83 2.27
C ALA B 123 -18.77 22.43 0.88
N THR B 124 -19.42 23.58 0.81
CA THR B 124 -19.68 24.22 -0.47
C THR B 124 -18.37 24.65 -1.15
N ASP B 125 -17.41 25.14 -0.36
CA ASP B 125 -16.13 25.56 -0.90
C ASP B 125 -15.34 24.37 -1.44
N VAL B 126 -15.44 23.22 -0.78
CA VAL B 126 -14.74 22.03 -1.26
C VAL B 126 -15.38 21.62 -2.58
N CYS B 127 -16.71 21.64 -2.62
CA CYS B 127 -17.44 21.28 -3.83
C CYS B 127 -16.96 22.12 -5.00
N GLN B 128 -16.99 23.43 -4.83
CA GLN B 128 -16.57 24.31 -5.90
C GLN B 128 -15.12 24.09 -6.28
N PHE B 129 -14.27 23.83 -5.30
CA PHE B 129 -12.88 23.60 -5.61
C PHE B 129 -12.72 22.34 -6.46
N LEU B 130 -13.41 21.26 -6.07
CA LEU B 130 -13.33 20.00 -6.81
C LEU B 130 -13.87 20.13 -8.24
N GLU B 131 -14.83 21.03 -8.42
CA GLU B 131 -15.37 21.26 -9.75
C GLU B 131 -14.27 21.82 -10.62
N LEU B 132 -13.50 22.76 -10.06
CA LEU B 132 -12.39 23.36 -10.79
C LEU B 132 -11.35 22.32 -11.20
N CYS B 133 -11.22 21.28 -10.38
CA CYS B 133 -10.27 20.20 -10.64
C CYS B 133 -10.83 19.19 -11.65
N GLN B 134 -12.15 19.18 -11.83
CA GLN B 134 -12.76 18.23 -12.75
C GLN B 134 -12.42 18.56 -14.19
N SER B 135 -12.00 17.56 -14.95
CA SER B 135 -11.63 17.74 -16.34
C SER B 135 -12.83 17.82 -17.29
N PRO B 136 -12.69 18.57 -18.39
CA PRO B 136 -13.79 18.70 -19.36
C PRO B 136 -14.09 17.31 -19.96
N ASP B 137 -13.12 16.40 -19.86
CA ASP B 137 -13.31 15.07 -20.40
C ASP B 137 -13.47 13.95 -19.38
N GLY B 138 -13.88 14.32 -18.17
CA GLY B 138 -14.10 13.33 -17.13
C GLY B 138 -12.91 13.13 -16.22
N GLY B 139 -13.19 12.76 -14.98
CA GLY B 139 -12.15 12.54 -14.01
C GLY B 139 -11.73 13.87 -13.41
N PHE B 140 -10.93 13.79 -12.34
CA PHE B 140 -10.43 14.96 -11.65
C PHE B 140 -8.91 14.94 -11.71
N GLY B 141 -8.33 16.13 -11.75
CA GLY B 141 -6.89 16.27 -11.78
C GLY B 141 -6.40 16.62 -10.39
N GLY B 142 -5.11 16.86 -10.24
CA GLY B 142 -4.53 17.19 -8.95
C GLY B 142 -4.75 18.63 -8.51
N GLY B 143 -5.27 19.44 -9.40
CA GLY B 143 -5.51 20.83 -9.11
C GLY B 143 -6.17 21.44 -10.32
N PRO B 144 -6.66 22.69 -10.26
CA PRO B 144 -7.31 23.28 -11.42
C PRO B 144 -6.39 23.34 -12.62
N GLY B 145 -6.88 22.89 -13.76
CA GLY B 145 -6.09 22.92 -14.97
C GLY B 145 -5.19 21.72 -15.18
N GLN B 146 -5.11 20.82 -14.21
CA GLN B 146 -4.26 19.66 -14.38
C GLN B 146 -5.05 18.57 -15.10
N TYR B 147 -4.37 17.71 -15.85
CA TYR B 147 -5.05 16.62 -16.55
C TYR B 147 -5.64 15.66 -15.52
N PRO B 148 -6.75 14.97 -15.86
CA PRO B 148 -7.37 14.03 -14.93
C PRO B 148 -6.44 12.85 -14.65
N HIS B 149 -6.58 12.24 -13.48
CA HIS B 149 -5.73 11.12 -13.05
C HIS B 149 -6.60 10.30 -12.09
N LEU B 150 -6.53 8.97 -12.18
CA LEU B 150 -7.36 8.13 -11.31
C LEU B 150 -7.16 8.30 -9.82
N ALA B 151 -5.96 8.64 -9.37
CA ALA B 151 -5.76 8.79 -7.94
C ALA B 151 -6.55 9.98 -7.41
N PRO B 152 -6.35 11.19 -7.97
CA PRO B 152 -7.13 12.32 -7.46
C PRO B 152 -8.65 12.18 -7.77
N THR B 153 -8.99 11.39 -8.79
CA THR B 153 -10.39 11.13 -9.14
C THR B 153 -11.02 10.32 -8.00
N TYR B 154 -10.31 9.31 -7.52
CA TYR B 154 -10.77 8.50 -6.42
C TYR B 154 -10.94 9.37 -5.18
N ALA B 155 -9.94 10.20 -4.91
CA ALA B 155 -9.97 11.09 -3.74
C ALA B 155 -11.11 12.10 -3.80
N ALA B 156 -11.28 12.72 -4.97
CA ALA B 156 -12.35 13.70 -5.16
C ALA B 156 -13.72 13.09 -4.93
N VAL B 157 -13.96 11.93 -5.53
CA VAL B 157 -15.25 11.27 -5.36
C VAL B 157 -15.47 10.95 -3.89
N ASN B 158 -14.47 10.39 -3.22
CA ASN B 158 -14.60 10.10 -1.80
C ASN B 158 -14.90 11.36 -0.98
N ALA B 159 -14.17 12.43 -1.27
CA ALA B 159 -14.38 13.67 -0.54
C ALA B 159 -15.82 14.16 -0.73
N LEU B 160 -16.32 14.16 -1.97
CA LEU B 160 -17.69 14.60 -2.26
C LEU B 160 -18.72 13.71 -1.55
N CYS B 161 -18.44 12.42 -1.43
CA CYS B 161 -19.34 11.49 -0.76
C CYS B 161 -19.35 11.68 0.75
N ILE B 162 -18.21 12.09 1.31
CA ILE B 162 -18.13 12.35 2.75
C ILE B 162 -19.03 13.55 3.03
N ILE B 163 -19.03 14.53 2.13
CA ILE B 163 -19.88 15.69 2.28
C ILE B 163 -21.31 15.18 2.12
N GLY B 164 -21.53 14.40 1.08
CA GLY B 164 -22.83 13.79 0.86
C GLY B 164 -24.06 14.62 0.62
N THR B 165 -23.90 15.87 0.24
CA THR B 165 -25.06 16.71 -0.04
C THR B 165 -25.38 16.58 -1.51
N GLU B 166 -26.54 17.11 -1.90
CA GLU B 166 -27.00 17.06 -3.28
C GLU B 166 -25.99 17.82 -4.12
N GLU B 167 -25.49 18.93 -3.57
CA GLU B 167 -24.50 19.73 -4.26
C GLU B 167 -23.27 18.88 -4.54
N ALA B 168 -22.76 18.22 -3.49
CA ALA B 168 -21.59 17.37 -3.59
C ALA B 168 -21.75 16.32 -4.69
N TYR B 169 -22.83 15.55 -4.60
CA TYR B 169 -23.10 14.53 -5.58
C TYR B 169 -23.21 15.11 -7.00
N ASN B 170 -23.84 16.28 -7.12
CA ASN B 170 -24.03 16.90 -8.43
C ASN B 170 -22.79 17.38 -9.13
N VAL B 171 -21.69 17.52 -8.40
CA VAL B 171 -20.41 17.96 -8.97
C VAL B 171 -19.91 16.95 -10.01
N ILE B 172 -20.09 15.68 -9.72
CA ILE B 172 -19.61 14.62 -10.59
C ILE B 172 -20.32 14.50 -11.93
N ASN B 173 -19.58 14.71 -13.01
CA ASN B 173 -20.13 14.55 -14.35
C ASN B 173 -19.97 13.05 -14.64
N ARG B 174 -21.03 12.30 -14.35
CA ARG B 174 -21.04 10.86 -14.52
C ARG B 174 -20.78 10.30 -15.92
N GLU B 175 -21.33 10.94 -16.95
CA GLU B 175 -21.13 10.47 -18.34
C GLU B 175 -19.66 10.59 -18.73
N LYS B 176 -19.11 11.77 -18.49
CA LYS B 176 -17.72 12.02 -18.81
C LYS B 176 -16.80 11.14 -17.97
N LEU B 177 -17.18 10.90 -16.72
CA LEU B 177 -16.40 10.06 -15.84
C LEU B 177 -16.27 8.65 -16.46
N LEU B 178 -17.40 8.09 -16.88
CA LEU B 178 -17.42 6.77 -17.51
C LEU B 178 -16.58 6.78 -18.78
N GLN B 179 -16.72 7.85 -19.57
CA GLN B 179 -15.93 7.97 -20.79
C GLN B 179 -14.46 7.95 -20.43
N TYR B 180 -14.11 8.70 -19.38
CA TYR B 180 -12.74 8.77 -18.90
C TYR B 180 -12.23 7.37 -18.53
N LEU B 181 -12.99 6.62 -17.72
CA LEU B 181 -12.56 5.27 -17.34
C LEU B 181 -12.30 4.37 -18.55
N TYR B 182 -13.17 4.46 -19.56
CA TYR B 182 -13.02 3.67 -20.78
C TYR B 182 -11.75 4.07 -21.52
N SER B 183 -11.44 5.35 -21.54
CA SER B 183 -10.23 5.80 -22.24
C SER B 183 -8.95 5.26 -21.61
N LEU B 184 -9.03 4.79 -20.36
CA LEU B 184 -7.87 4.28 -19.65
C LEU B 184 -7.76 2.75 -19.64
N LYS B 185 -8.89 2.08 -19.87
CA LYS B 185 -8.99 0.63 -19.88
C LYS B 185 -8.05 -0.03 -20.91
N GLN B 186 -7.39 -1.10 -20.49
CA GLN B 186 -6.46 -1.84 -21.35
C GLN B 186 -7.01 -3.21 -21.73
N PRO B 187 -6.56 -3.76 -22.86
CA PRO B 187 -7.03 -5.08 -23.29
C PRO B 187 -6.73 -6.21 -22.33
N ASP B 188 -5.70 -6.10 -21.51
CA ASP B 188 -5.42 -7.17 -20.56
C ASP B 188 -6.25 -7.07 -19.27
N GLY B 189 -7.16 -6.11 -19.22
CA GLY B 189 -8.00 -5.93 -18.05
C GLY B 189 -7.60 -4.81 -17.10
N SER B 190 -6.36 -4.35 -17.21
CA SER B 190 -5.86 -3.26 -16.36
C SER B 190 -6.28 -1.88 -16.89
N PHE B 191 -5.93 -0.86 -16.12
CA PHE B 191 -6.23 0.53 -16.46
C PHE B 191 -4.95 1.37 -16.29
N LEU B 192 -4.78 2.41 -17.11
CA LEU B 192 -3.64 3.31 -16.95
C LEU B 192 -4.08 4.22 -15.80
N MET B 193 -3.14 4.89 -15.13
CA MET B 193 -3.53 5.80 -14.04
C MET B 193 -4.06 7.09 -14.65
N HIS B 194 -3.57 7.43 -15.84
CA HIS B 194 -3.96 8.62 -16.56
C HIS B 194 -3.45 8.44 -18.00
N VAL B 195 -3.89 9.30 -18.91
CA VAL B 195 -3.49 9.22 -20.32
C VAL B 195 -1.98 9.32 -20.44
N GLY B 196 -1.36 8.33 -21.07
CA GLY B 196 0.07 8.29 -21.21
C GLY B 196 0.77 7.95 -19.89
N GLY B 197 0.01 7.45 -18.92
CA GLY B 197 0.57 7.12 -17.61
C GLY B 197 0.86 5.65 -17.35
N GLU B 198 1.31 5.37 -16.14
CA GLU B 198 1.67 4.03 -15.72
C GLU B 198 0.46 3.16 -15.36
N VAL B 199 0.70 1.86 -15.33
CA VAL B 199 -0.30 0.86 -14.98
C VAL B 199 0.15 0.06 -13.77
N ASP B 200 -0.75 -0.09 -12.81
CA ASP B 200 -0.54 -0.91 -11.64
C ASP B 200 -1.89 -1.06 -10.97
N VAL B 201 -1.97 -1.97 -10.00
CA VAL B 201 -3.22 -2.27 -9.34
C VAL B 201 -3.99 -1.11 -8.71
N ARG B 202 -3.32 0.00 -8.43
CA ARG B 202 -4.02 1.15 -7.85
C ARG B 202 -5.14 1.59 -8.80
N SER B 203 -4.88 1.56 -10.09
CA SER B 203 -5.87 2.03 -11.07
C SER B 203 -7.17 1.23 -11.03
N ALA B 204 -7.04 -0.10 -10.90
CA ALA B 204 -8.20 -1.01 -10.83
C ALA B 204 -9.07 -0.60 -9.64
N TYR B 205 -8.45 -0.44 -8.47
CA TYR B 205 -9.20 -0.02 -7.28
C TYR B 205 -9.81 1.39 -7.43
N CYS B 206 -9.03 2.36 -7.93
CA CYS B 206 -9.55 3.71 -8.11
C CYS B 206 -10.78 3.70 -9.00
N ALA B 207 -10.69 3.03 -10.17
CA ALA B 207 -11.80 2.96 -11.13
C ALA B 207 -13.04 2.24 -10.54
N ALA B 208 -12.82 1.10 -9.92
CA ALA B 208 -13.91 0.33 -9.34
C ALA B 208 -14.61 1.13 -8.23
N SER B 209 -13.82 1.83 -7.41
CA SER B 209 -14.37 2.62 -6.31
C SER B 209 -15.29 3.72 -6.83
N VAL B 210 -14.79 4.54 -7.75
CA VAL B 210 -15.60 5.62 -8.28
C VAL B 210 -16.77 5.13 -9.15
N ALA B 211 -16.54 4.10 -9.94
CA ALA B 211 -17.59 3.57 -10.81
C ALA B 211 -18.71 2.95 -10.00
N SER B 212 -18.38 2.24 -8.92
CA SER B 212 -19.41 1.63 -8.12
C SER B 212 -20.19 2.68 -7.35
N LEU B 213 -19.49 3.59 -6.69
CA LEU B 213 -20.17 4.64 -5.94
C LEU B 213 -21.12 5.47 -6.79
N THR B 214 -20.70 5.83 -8.00
CA THR B 214 -21.54 6.63 -8.88
C THR B 214 -22.49 5.85 -9.80
N ASN B 215 -22.51 4.53 -9.67
CA ASN B 215 -23.40 3.70 -10.49
C ASN B 215 -23.20 3.95 -12.00
N ILE B 216 -21.98 3.73 -12.48
CA ILE B 216 -21.68 3.90 -13.90
C ILE B 216 -21.04 2.65 -14.46
N ILE B 217 -21.11 1.54 -13.70
CA ILE B 217 -20.53 0.27 -14.14
C ILE B 217 -21.37 -0.40 -15.23
N THR B 218 -20.80 -0.49 -16.43
CA THR B 218 -21.47 -1.11 -17.56
C THR B 218 -21.07 -2.59 -17.56
N PRO B 219 -21.69 -3.43 -18.41
CA PRO B 219 -21.36 -4.86 -18.46
C PRO B 219 -19.89 -5.23 -18.77
N ASP B 220 -19.27 -4.46 -19.67
CA ASP B 220 -17.89 -4.75 -20.07
C ASP B 220 -16.78 -3.85 -19.49
N LEU B 221 -17.16 -2.85 -18.70
CA LEU B 221 -16.16 -1.93 -18.14
C LEU B 221 -15.01 -2.66 -17.45
N PHE B 222 -15.32 -3.62 -16.59
CA PHE B 222 -14.29 -4.34 -15.86
C PHE B 222 -13.97 -5.72 -16.37
N GLU B 223 -14.22 -5.92 -17.67
CA GLU B 223 -13.98 -7.20 -18.31
C GLU B 223 -12.51 -7.50 -18.23
N GLY B 224 -12.17 -8.65 -17.68
CA GLY B 224 -10.77 -9.03 -17.56
C GLY B 224 -10.03 -8.42 -16.39
N THR B 225 -10.65 -7.45 -15.70
CA THR B 225 -9.99 -6.80 -14.59
C THR B 225 -9.73 -7.71 -13.38
N ALA B 226 -10.72 -8.53 -13.03
CA ALA B 226 -10.55 -9.43 -11.89
C ALA B 226 -9.40 -10.38 -12.16
N GLU B 227 -9.29 -10.82 -13.41
CA GLU B 227 -8.23 -11.76 -13.79
C GLU B 227 -6.90 -11.07 -13.73
N TRP B 228 -6.84 -9.84 -14.24
CA TRP B 228 -5.59 -9.10 -14.19
C TRP B 228 -5.15 -8.95 -12.72
N ILE B 229 -6.09 -8.55 -11.85
CA ILE B 229 -5.77 -8.40 -10.43
C ILE B 229 -5.28 -9.74 -9.82
N ALA B 230 -5.96 -10.84 -10.16
CA ALA B 230 -5.56 -12.14 -9.63
C ALA B 230 -4.12 -12.51 -10.04
N ARG B 231 -3.71 -12.08 -11.24
CA ARG B 231 -2.35 -12.35 -11.71
C ARG B 231 -1.30 -11.60 -10.89
N CYS B 232 -1.73 -10.59 -10.13
CA CYS B 232 -0.81 -9.82 -9.28
C CYS B 232 -0.53 -10.52 -7.97
N GLN B 233 -1.35 -11.50 -7.59
CA GLN B 233 -1.08 -12.23 -6.36
C GLN B 233 0.14 -13.10 -6.64
N ASN B 234 1.15 -13.05 -5.77
CA ASN B 234 2.37 -13.82 -6.01
C ASN B 234 2.61 -14.94 -5.00
N TRP B 235 3.78 -15.57 -5.09
CA TRP B 235 4.17 -16.67 -4.23
C TRP B 235 4.10 -16.39 -2.73
N GLU B 236 4.10 -15.11 -2.36
CA GLU B 236 4.05 -14.71 -0.96
C GLU B 236 2.65 -14.76 -0.37
N GLY B 237 1.63 -14.68 -1.22
CA GLY B 237 0.27 -14.68 -0.74
C GLY B 237 -0.36 -13.30 -0.93
N GLY B 238 0.47 -12.27 -0.88
CA GLY B 238 -0.03 -10.92 -1.06
C GLY B 238 -0.12 -10.55 -2.53
N ILE B 239 -0.34 -9.27 -2.80
CA ILE B 239 -0.49 -8.77 -4.16
C ILE B 239 0.54 -7.67 -4.44
N GLY B 240 1.18 -7.76 -5.61
CA GLY B 240 2.18 -6.77 -6.00
C GLY B 240 1.54 -5.74 -6.91
N GLY B 241 2.28 -4.69 -7.29
CA GLY B 241 1.71 -3.66 -8.15
C GLY B 241 1.28 -4.14 -9.53
N VAL B 242 2.08 -5.01 -10.11
CA VAL B 242 1.83 -5.60 -11.43
C VAL B 242 2.29 -7.06 -11.31
N PRO B 243 1.82 -7.95 -12.22
CA PRO B 243 2.22 -9.36 -12.16
C PRO B 243 3.73 -9.52 -12.08
N GLY B 244 4.18 -10.34 -11.13
CA GLY B 244 5.60 -10.58 -10.94
C GLY B 244 6.26 -9.82 -9.82
N MET B 245 5.66 -8.71 -9.41
CA MET B 245 6.26 -7.89 -8.34
C MET B 245 5.99 -8.31 -6.90
N GLU B 246 6.90 -7.90 -6.02
CA GLU B 246 6.82 -8.19 -4.58
C GLU B 246 5.47 -7.79 -3.99
N ALA B 247 4.97 -8.60 -3.06
CA ALA B 247 3.69 -8.35 -2.41
C ALA B 247 3.82 -7.13 -1.50
N HIS B 248 2.85 -6.22 -1.59
CA HIS B 248 2.90 -5.00 -0.79
C HIS B 248 1.51 -4.64 -0.29
N GLY B 249 1.45 -4.18 0.96
CA GLY B 249 0.18 -3.79 1.57
C GLY B 249 -0.66 -2.81 0.79
N GLY B 250 -0.06 -1.77 0.24
CA GLY B 250 -0.84 -0.79 -0.50
C GLY B 250 -1.54 -1.40 -1.70
N TYR B 251 -0.79 -2.19 -2.46
CA TYR B 251 -1.30 -2.84 -3.65
C TYR B 251 -2.27 -3.96 -3.31
N THR B 252 -2.00 -4.65 -2.21
CA THR B 252 -2.85 -5.76 -1.76
C THR B 252 -4.20 -5.19 -1.34
N PHE B 253 -4.21 -4.05 -0.65
CA PHE B 253 -5.47 -3.47 -0.27
C PHE B 253 -6.20 -3.11 -1.57
N CYS B 254 -5.52 -2.44 -2.48
CA CYS B 254 -6.12 -2.07 -3.76
C CYS B 254 -6.71 -3.27 -4.50
N GLY B 255 -5.95 -4.36 -4.59
CA GLY B 255 -6.39 -5.54 -5.29
C GLY B 255 -7.60 -6.20 -4.64
N LEU B 256 -7.50 -6.49 -3.35
CA LEU B 256 -8.62 -7.14 -2.67
C LEU B 256 -9.86 -6.24 -2.65
N ALA B 257 -9.69 -4.97 -2.32
CA ALA B 257 -10.83 -4.07 -2.28
C ALA B 257 -11.53 -3.98 -3.64
N ALA B 258 -10.76 -3.91 -4.72
CA ALA B 258 -11.34 -3.82 -6.07
C ALA B 258 -12.09 -5.12 -6.34
N LEU B 259 -11.48 -6.26 -5.98
CA LEU B 259 -12.13 -7.56 -6.20
C LEU B 259 -13.41 -7.67 -5.38
N VAL B 260 -13.42 -7.10 -4.18
CA VAL B 260 -14.61 -7.13 -3.35
C VAL B 260 -15.71 -6.33 -4.04
N ILE B 261 -15.37 -5.18 -4.63
CA ILE B 261 -16.36 -4.35 -5.32
C ILE B 261 -16.92 -5.10 -6.53
N LEU B 262 -16.04 -5.81 -7.24
CA LEU B 262 -16.44 -6.56 -8.43
C LEU B 262 -17.02 -7.94 -8.08
N LYS B 263 -17.07 -8.25 -6.78
CA LYS B 263 -17.60 -9.50 -6.28
C LYS B 263 -16.84 -10.70 -6.87
N LYS B 264 -15.51 -10.57 -6.95
CA LYS B 264 -14.68 -11.63 -7.48
C LYS B 264 -13.55 -12.00 -6.56
N GLU B 265 -13.73 -11.76 -5.27
CA GLU B 265 -12.67 -12.06 -4.30
C GLU B 265 -12.22 -13.49 -4.45
N ARG B 266 -13.16 -14.34 -4.84
CA ARG B 266 -12.88 -15.76 -5.01
C ARG B 266 -11.77 -16.06 -6.02
N SER B 267 -11.50 -15.14 -6.93
CA SER B 267 -10.42 -15.32 -7.91
C SER B 267 -9.07 -15.47 -7.19
N LEU B 268 -8.95 -14.97 -5.97
CA LEU B 268 -7.70 -15.04 -5.22
C LEU B 268 -7.62 -16.26 -4.33
N ASN B 269 -6.41 -16.61 -3.94
CA ASN B 269 -6.20 -17.69 -2.98
C ASN B 269 -6.28 -16.93 -1.64
N LEU B 270 -7.50 -16.74 -1.14
CA LEU B 270 -7.73 -16.02 0.09
C LEU B 270 -6.95 -16.54 1.29
N LYS B 271 -6.64 -17.84 1.27
CA LYS B 271 -5.92 -18.46 2.36
C LYS B 271 -4.48 -17.96 2.45
N SER B 272 -3.77 -17.97 1.31
CA SER B 272 -2.38 -17.49 1.34
C SER B 272 -2.34 -15.99 1.59
N LEU B 273 -3.39 -15.29 1.15
CA LEU B 273 -3.47 -13.85 1.38
C LEU B 273 -3.59 -13.57 2.90
N LEU B 274 -4.49 -14.31 3.55
CA LEU B 274 -4.69 -14.16 4.99
C LEU B 274 -3.40 -14.45 5.74
N GLN B 275 -2.69 -15.51 5.34
CA GLN B 275 -1.46 -15.84 6.04
C GLN B 275 -0.42 -14.75 5.84
N TRP B 276 -0.41 -14.17 4.65
CA TRP B 276 0.54 -13.11 4.36
C TRP B 276 0.25 -11.83 5.15
N VAL B 277 -0.97 -11.31 5.09
CA VAL B 277 -1.28 -10.08 5.81
C VAL B 277 -1.10 -10.18 7.32
N THR B 278 -1.52 -11.30 7.92
CA THR B 278 -1.38 -11.48 9.35
C THR B 278 0.09 -11.48 9.76
N SER B 279 0.95 -12.01 8.88
CA SER B 279 2.39 -12.03 9.14
C SER B 279 3.01 -10.63 9.05
N ARG B 280 2.28 -9.67 8.50
CA ARG B 280 2.79 -8.31 8.34
C ARG B 280 2.73 -7.47 9.62
N GLN B 281 2.02 -7.95 10.64
CA GLN B 281 1.95 -7.21 11.90
C GLN B 281 3.25 -7.50 12.64
N MET B 282 3.91 -6.43 13.09
CA MET B 282 5.20 -6.52 13.78
C MET B 282 5.03 -7.00 15.23
N ARG B 283 5.66 -8.13 15.57
CA ARG B 283 5.54 -8.71 16.91
C ARG B 283 5.98 -7.77 18.04
N PHE B 284 6.99 -6.95 17.80
CA PHE B 284 7.41 -6.06 18.84
C PHE B 284 6.65 -4.73 18.81
N GLU B 285 6.73 -4.03 17.69
CA GLU B 285 6.10 -2.72 17.55
C GLU B 285 4.58 -2.74 17.63
N GLY B 286 3.96 -3.80 17.10
CA GLY B 286 2.50 -3.88 17.13
C GLY B 286 1.82 -3.31 15.89
N GLY B 287 2.52 -2.43 15.17
CA GLY B 287 1.97 -1.88 13.94
C GLY B 287 2.27 -2.83 12.79
N PHE B 288 1.97 -2.42 11.56
CA PHE B 288 2.21 -3.27 10.39
C PHE B 288 3.31 -2.73 9.49
N GLN B 289 3.99 -3.63 8.78
CA GLN B 289 5.04 -3.27 7.81
C GLN B 289 4.33 -3.36 6.46
N GLY B 290 4.92 -2.77 5.41
CA GLY B 290 4.29 -2.80 4.10
C GLY B 290 4.60 -4.06 3.33
N ARG B 291 5.76 -4.63 3.59
CA ARG B 291 6.21 -5.85 2.92
C ARG B 291 7.18 -6.55 3.86
N CYS B 292 7.36 -7.85 3.63
CA CYS B 292 8.24 -8.65 4.48
C CYS B 292 9.65 -8.09 4.56
N ASN B 293 10.18 -8.07 5.79
CA ASN B 293 11.52 -7.58 6.05
C ASN B 293 11.76 -6.06 5.90
N LYS B 294 10.68 -5.27 5.86
CA LYS B 294 10.83 -3.82 5.84
C LYS B 294 10.33 -3.26 7.20
N LEU B 295 10.23 -1.94 7.32
CA LEU B 295 9.85 -1.37 8.61
C LEU B 295 8.39 -1.10 8.84
N VAL B 296 8.04 -0.99 10.11
CA VAL B 296 6.69 -0.70 10.55
C VAL B 296 6.36 0.73 10.10
N ASP B 297 5.09 1.02 9.85
CA ASP B 297 4.70 2.34 9.42
C ASP B 297 3.22 2.48 9.73
N GLY B 298 2.87 3.56 10.42
CA GLY B 298 1.48 3.81 10.78
C GLY B 298 0.42 3.82 9.70
N CYS B 299 0.76 4.17 8.45
CA CYS B 299 -0.29 4.20 7.42
C CYS B 299 -0.76 2.77 7.08
N TYR B 300 0.10 1.77 7.32
CA TYR B 300 -0.28 0.39 7.05
C TYR B 300 -1.27 -0.14 8.07
N SER B 301 -1.57 0.69 9.07
CA SER B 301 -2.58 0.38 10.08
C SER B 301 -3.87 0.27 9.28
N PHE B 302 -3.94 0.99 8.16
CA PHE B 302 -5.10 0.90 7.31
C PHE B 302 -4.89 -0.06 6.13
N TRP B 303 -3.90 0.22 5.29
CA TRP B 303 -3.67 -0.63 4.11
C TRP B 303 -3.57 -2.10 4.45
N GLN B 304 -2.83 -2.44 5.50
CA GLN B 304 -2.69 -3.86 5.87
C GLN B 304 -3.84 -4.34 6.75
N ALA B 305 -4.04 -3.72 7.90
CA ALA B 305 -5.11 -4.16 8.79
C ALA B 305 -6.50 -4.09 8.16
N GLY B 306 -6.70 -3.16 7.22
CA GLY B 306 -7.98 -3.03 6.55
C GLY B 306 -8.37 -4.26 5.74
N LEU B 307 -7.38 -5.09 5.44
CA LEU B 307 -7.60 -6.31 4.70
C LEU B 307 -8.37 -7.34 5.53
N LEU B 308 -8.18 -7.32 6.84
CA LEU B 308 -8.86 -8.29 7.71
C LEU B 308 -10.38 -8.20 7.64
N PRO B 309 -10.93 -6.98 7.70
CA PRO B 309 -12.40 -6.87 7.60
C PRO B 309 -12.84 -7.42 6.21
N LEU B 310 -12.04 -7.15 5.18
CA LEU B 310 -12.35 -7.62 3.83
C LEU B 310 -12.32 -9.15 3.74
N LEU B 311 -11.29 -9.75 4.32
CA LEU B 311 -11.12 -11.20 4.31
C LEU B 311 -12.20 -11.86 5.15
N HIS B 312 -12.56 -11.23 6.26
CA HIS B 312 -13.57 -11.78 7.13
C HIS B 312 -14.88 -11.89 6.35
N ARG B 313 -15.26 -10.80 5.68
CA ARG B 313 -16.48 -10.79 4.88
C ARG B 313 -16.43 -11.79 3.73
N ALA B 314 -15.27 -11.92 3.09
CA ALA B 314 -15.12 -12.87 1.98
C ALA B 314 -15.25 -14.31 2.46
N LEU B 315 -14.51 -14.65 3.50
CA LEU B 315 -14.54 -16.01 4.06
C LEU B 315 -15.91 -16.34 4.65
N HIS B 316 -16.53 -15.36 5.28
CA HIS B 316 -17.86 -15.56 5.86
C HIS B 316 -18.88 -15.78 4.75
N ALA B 317 -18.69 -15.10 3.62
CA ALA B 317 -19.59 -15.24 2.47
C ALA B 317 -19.47 -16.66 1.89
N GLN B 318 -18.36 -17.32 2.19
CA GLN B 318 -18.13 -18.68 1.74
C GLN B 318 -18.59 -19.65 2.83
N GLY B 319 -19.20 -19.10 3.87
CA GLY B 319 -19.68 -19.91 4.98
C GLY B 319 -18.62 -20.44 5.92
N ASP B 320 -17.43 -19.85 5.93
CA ASP B 320 -16.37 -20.30 6.82
C ASP B 320 -16.93 -20.33 8.25
N PRO B 321 -17.02 -21.52 8.84
CA PRO B 321 -17.54 -21.73 10.21
C PRO B 321 -16.60 -21.40 11.35
N ALA B 322 -15.29 -21.34 11.08
CA ALA B 322 -14.32 -21.08 12.14
C ALA B 322 -14.02 -19.59 12.40
N LEU B 323 -14.72 -18.69 11.70
CA LEU B 323 -14.50 -17.25 11.88
C LEU B 323 -14.95 -16.68 13.22
N SER B 324 -14.06 -15.97 13.89
CA SER B 324 -14.41 -15.33 15.17
C SER B 324 -15.62 -14.45 14.96
N MET B 325 -16.39 -14.26 16.02
CA MET B 325 -17.57 -13.42 15.94
C MET B 325 -17.43 -12.17 16.79
N SER B 326 -16.20 -11.85 17.18
CA SER B 326 -15.95 -10.66 17.98
C SER B 326 -14.65 -9.90 17.65
N HIS B 327 -13.75 -10.50 16.88
CA HIS B 327 -12.48 -9.84 16.55
C HIS B 327 -12.02 -10.09 15.13
N TRP B 328 -11.17 -9.20 14.63
CA TRP B 328 -10.58 -9.33 13.30
C TRP B 328 -9.39 -10.25 13.49
N MET B 329 -8.85 -10.80 12.41
CA MET B 329 -7.72 -11.69 12.57
C MET B 329 -6.34 -11.04 12.72
N PHE B 330 -6.26 -10.03 13.57
CA PHE B 330 -5.02 -9.34 13.88
C PHE B 330 -5.10 -8.86 15.33
N HIS B 331 -3.97 -8.52 15.93
CA HIS B 331 -3.95 -8.07 17.31
C HIS B 331 -4.45 -6.62 17.39
N GLN B 332 -5.76 -6.44 17.55
CA GLN B 332 -6.37 -5.12 17.62
C GLN B 332 -5.78 -4.23 18.70
N GLN B 333 -5.58 -4.80 19.88
CA GLN B 333 -5.02 -4.07 21.00
C GLN B 333 -3.63 -3.54 20.69
N ALA B 334 -2.75 -4.42 20.20
CA ALA B 334 -1.37 -4.02 19.86
C ALA B 334 -1.30 -2.93 18.78
N LEU B 335 -2.18 -3.00 17.78
CA LEU B 335 -2.19 -1.96 16.76
C LEU B 335 -2.58 -0.62 17.41
N GLN B 336 -3.65 -0.61 18.20
CA GLN B 336 -4.08 0.62 18.88
C GLN B 336 -2.96 1.17 19.77
N GLU B 337 -2.27 0.26 20.46
CA GLU B 337 -1.19 0.69 21.31
C GLU B 337 -0.09 1.35 20.49
N TYR B 338 0.26 0.75 19.35
CA TYR B 338 1.28 1.31 18.49
C TYR B 338 0.89 2.72 18.03
N ILE B 339 -0.32 2.85 17.53
CA ILE B 339 -0.79 4.13 17.02
C ILE B 339 -0.84 5.21 18.10
N LEU B 340 -1.51 4.89 19.21
CA LEU B 340 -1.68 5.87 20.29
C LEU B 340 -0.39 6.28 20.96
N MET B 341 0.50 5.32 21.22
CA MET B 341 1.76 5.60 21.87
C MET B 341 2.90 6.11 20.98
N CYS B 342 2.96 5.64 19.73
CA CYS B 342 4.04 6.01 18.82
C CYS B 342 3.76 6.89 17.61
N CYS B 343 2.51 7.00 17.20
CA CYS B 343 2.18 7.74 16.00
C CYS B 343 1.51 9.08 16.14
N GLN B 344 1.45 9.62 17.35
CA GLN B 344 0.81 10.93 17.53
C GLN B 344 1.82 12.04 17.68
N CYS B 345 1.62 13.12 16.94
CA CYS B 345 2.49 14.27 17.06
C CYS B 345 1.82 15.09 18.18
N PRO B 346 2.62 15.55 19.17
CA PRO B 346 2.12 16.34 20.31
C PRO B 346 1.37 17.61 19.89
N ALA B 347 1.82 18.22 18.80
CA ALA B 347 1.19 19.43 18.27
C ALA B 347 -0.04 19.14 17.41
N GLY B 348 -0.37 17.86 17.22
CA GLY B 348 -1.50 17.50 16.39
C GLY B 348 -1.01 16.77 15.14
N GLY B 349 -1.87 15.93 14.56
CA GLY B 349 -1.46 15.17 13.40
C GLY B 349 -0.83 13.85 13.79
N LEU B 350 -0.89 12.87 12.88
CA LEU B 350 -0.29 11.57 13.14
C LEU B 350 0.87 11.25 12.20
N LEU B 351 1.61 10.20 12.52
CA LEU B 351 2.79 9.89 11.74
C LEU B 351 3.11 8.44 11.47
N ASP B 352 4.14 8.26 10.65
CA ASP B 352 4.66 6.98 10.22
C ASP B 352 5.19 6.22 11.44
N LYS B 353 6.21 6.76 12.08
CA LYS B 353 6.82 6.15 13.25
C LYS B 353 7.54 7.24 14.02
N PRO B 354 7.95 6.96 15.28
CA PRO B 354 8.65 7.99 16.04
C PRO B 354 9.89 8.49 15.27
N GLY B 355 10.04 9.81 15.21
CA GLY B 355 11.15 10.36 14.48
C GLY B 355 10.71 10.93 13.16
N LYS B 356 9.53 10.53 12.68
CA LYS B 356 8.99 11.03 11.43
C LYS B 356 8.11 12.24 11.72
N SER B 357 7.99 13.12 10.73
CA SER B 357 7.17 14.32 10.87
C SER B 357 5.73 14.01 10.44
N ARG B 358 4.79 14.74 11.02
CA ARG B 358 3.38 14.55 10.73
C ARG B 358 3.06 15.00 9.31
N ASP B 359 1.94 14.48 8.80
CA ASP B 359 1.44 14.87 7.50
C ASP B 359 0.00 14.41 7.41
N PHE B 360 -0.78 15.00 6.51
CA PHE B 360 -2.18 14.63 6.42
C PHE B 360 -2.46 13.20 5.96
N TYR B 361 -1.56 12.64 5.16
CA TYR B 361 -1.70 11.28 4.69
C TYR B 361 -1.63 10.33 5.88
N HIS B 362 -0.61 10.48 6.72
CA HIS B 362 -0.49 9.60 7.87
C HIS B 362 -1.57 9.88 8.90
N THR B 363 -2.07 11.11 8.93
CA THR B 363 -3.13 11.46 9.87
C THR B 363 -4.39 10.68 9.47
N CYS B 364 -4.70 10.69 8.17
CA CYS B 364 -5.86 9.98 7.66
C CYS B 364 -5.78 8.48 7.87
N TYR B 365 -4.64 7.88 7.54
CA TYR B 365 -4.49 6.42 7.66
C TYR B 365 -4.26 5.83 9.03
N CYS B 366 -3.58 6.56 9.90
CA CYS B 366 -3.41 6.07 11.26
C CYS B 366 -4.80 6.07 11.92
N LEU B 367 -5.56 7.13 11.72
CA LEU B 367 -6.89 7.22 12.29
C LEU B 367 -7.81 6.16 11.72
N SER B 368 -7.76 5.97 10.40
CA SER B 368 -8.58 4.96 9.72
C SER B 368 -8.27 3.58 10.30
N GLY B 369 -6.98 3.30 10.47
CA GLY B 369 -6.56 2.03 11.01
C GLY B 369 -7.00 1.88 12.46
N LEU B 370 -6.94 2.97 13.22
CA LEU B 370 -7.36 2.93 14.62
C LEU B 370 -8.83 2.54 14.70
N SER B 371 -9.66 3.17 13.87
CA SER B 371 -11.08 2.90 13.82
C SER B 371 -11.35 1.42 13.51
N ILE B 372 -10.65 0.90 12.50
CA ILE B 372 -10.77 -0.51 12.12
C ILE B 372 -10.48 -1.41 13.35
N ALA B 373 -9.36 -1.13 14.04
CA ALA B 373 -8.93 -1.89 15.20
C ALA B 373 -9.89 -1.82 16.39
N GLN B 374 -10.61 -0.70 16.50
CA GLN B 374 -11.56 -0.50 17.58
C GLN B 374 -12.92 -1.15 17.30
N HIS B 375 -13.28 -1.32 16.02
CA HIS B 375 -14.59 -1.85 15.69
C HIS B 375 -14.67 -3.13 14.89
N PHE B 376 -15.37 -4.11 15.45
CA PHE B 376 -15.60 -5.37 14.78
C PHE B 376 -17.09 -5.41 14.45
N GLY B 377 -17.43 -5.72 13.20
CA GLY B 377 -18.82 -5.79 12.79
C GLY B 377 -18.97 -6.91 11.79
N SER B 378 -19.97 -7.78 12.00
CA SER B 378 -20.22 -8.91 11.10
C SER B 378 -21.72 -9.21 11.08
N GLY B 379 -22.48 -8.32 10.43
CA GLY B 379 -23.92 -8.49 10.37
C GLY B 379 -24.51 -8.03 11.69
N ALA B 380 -25.22 -8.92 12.37
CA ALA B 380 -25.86 -8.59 13.65
C ALA B 380 -24.84 -8.50 14.81
N MET B 381 -23.74 -9.21 14.69
CA MET B 381 -22.70 -9.22 15.71
C MET B 381 -21.86 -7.93 15.67
N LEU B 382 -21.62 -7.32 16.84
CA LEU B 382 -20.83 -6.09 16.93
C LEU B 382 -19.98 -6.07 18.20
N HIS B 383 -18.67 -5.89 18.09
CA HIS B 383 -17.83 -5.84 19.28
C HIS B 383 -16.68 -4.85 19.19
N ASP B 384 -16.59 -3.96 20.17
CA ASP B 384 -15.55 -2.95 20.23
C ASP B 384 -14.45 -3.22 21.24
N VAL B 385 -13.29 -2.64 20.97
CA VAL B 385 -12.13 -2.72 21.84
C VAL B 385 -11.58 -1.30 21.72
N VAL B 386 -11.68 -0.53 22.79
CA VAL B 386 -11.18 0.85 22.81
C VAL B 386 -10.09 0.99 23.84
N MET B 387 -8.83 0.89 23.41
CA MET B 387 -7.71 1.02 24.31
C MET B 387 -7.61 2.46 24.82
N GLY B 388 -7.13 2.60 26.06
CA GLY B 388 -7.00 3.91 26.66
C GLY B 388 -8.34 4.49 27.09
N VAL B 389 -8.38 5.81 27.21
CA VAL B 389 -9.60 6.47 27.63
C VAL B 389 -10.73 6.27 26.62
N PRO B 390 -11.96 6.15 27.12
CA PRO B 390 -13.16 5.94 26.31
C PRO B 390 -13.39 6.95 25.19
N GLU B 391 -12.94 8.19 25.40
CA GLU B 391 -13.10 9.27 24.41
C GLU B 391 -12.32 8.97 23.13
N ASN B 392 -11.39 8.02 23.22
CA ASN B 392 -10.57 7.59 22.10
C ASN B 392 -11.36 6.99 20.93
N VAL B 393 -12.56 6.47 21.20
CA VAL B 393 -13.37 5.84 20.16
C VAL B 393 -13.69 6.77 18.99
N LEU B 394 -13.47 6.28 17.76
CA LEU B 394 -13.73 7.04 16.54
C LEU B 394 -14.96 6.51 15.83
N GLN B 395 -15.42 7.24 14.82
CA GLN B 395 -16.55 6.81 14.01
C GLN B 395 -16.03 5.65 13.14
N PRO B 396 -16.86 4.65 12.84
CA PRO B 396 -16.44 3.50 12.02
C PRO B 396 -16.12 3.89 10.55
N THR B 397 -15.33 3.08 9.86
CA THR B 397 -14.99 3.38 8.48
C THR B 397 -15.31 2.16 7.62
N HIS B 398 -15.75 2.39 6.40
CA HIS B 398 -16.06 1.28 5.48
C HIS B 398 -14.73 0.71 4.99
N PRO B 399 -14.49 -0.60 5.16
CA PRO B 399 -13.24 -1.23 4.74
C PRO B 399 -12.89 -1.23 3.25
N VAL B 400 -13.88 -0.98 2.40
CA VAL B 400 -13.62 -0.93 0.96
C VAL B 400 -13.29 0.48 0.47
N TYR B 401 -14.12 1.45 0.86
CA TYR B 401 -13.96 2.83 0.43
C TYR B 401 -13.19 3.76 1.35
N ASN B 402 -13.09 3.38 2.62
CA ASN B 402 -12.46 4.16 3.65
C ASN B 402 -13.10 5.53 3.83
N ILE B 403 -14.43 5.51 3.87
CA ILE B 403 -15.26 6.68 4.17
C ILE B 403 -16.34 6.06 5.06
N GLY B 404 -17.09 6.88 5.78
CA GLY B 404 -18.13 6.37 6.66
C GLY B 404 -19.10 5.45 5.96
N PRO B 405 -19.45 4.30 6.56
CA PRO B 405 -20.39 3.32 5.99
C PRO B 405 -21.73 3.97 5.61
N ASP B 406 -22.10 4.98 6.39
CA ASP B 406 -23.33 5.72 6.16
C ASP B 406 -23.20 6.55 4.89
N LYS B 407 -21.99 7.06 4.64
CA LYS B 407 -21.75 7.87 3.45
C LYS B 407 -21.78 6.97 2.23
N VAL B 408 -21.25 5.77 2.39
CA VAL B 408 -21.24 4.80 1.30
C VAL B 408 -22.69 4.51 0.91
N ILE B 409 -23.49 4.09 1.90
CA ILE B 409 -24.89 3.78 1.67
C ILE B 409 -25.63 4.96 1.06
N GLN B 410 -25.51 6.12 1.68
CA GLN B 410 -26.18 7.30 1.18
C GLN B 410 -25.85 7.60 -0.29
N ALA B 411 -24.55 7.61 -0.60
CA ALA B 411 -24.10 7.88 -1.96
C ALA B 411 -24.62 6.85 -2.95
N THR B 412 -24.38 5.56 -2.69
CA THR B 412 -24.82 4.52 -3.62
C THR B 412 -26.33 4.61 -3.87
N THR B 413 -27.10 4.77 -2.80
CA THR B 413 -28.56 4.88 -2.90
C THR B 413 -28.89 6.04 -3.82
N HIS B 414 -28.29 7.19 -3.56
CA HIS B 414 -28.57 8.35 -4.39
C HIS B 414 -28.26 8.15 -5.86
N PHE B 415 -27.08 7.58 -6.15
CA PHE B 415 -26.67 7.36 -7.53
C PHE B 415 -27.43 6.25 -8.22
N LEU B 416 -28.05 5.37 -7.45
CA LEU B 416 -28.84 4.31 -8.03
C LEU B 416 -30.14 4.88 -8.59
N GLN B 417 -30.45 6.13 -8.25
CA GLN B 417 -31.64 6.81 -8.76
C GLN B 417 -31.40 7.21 -10.20
N LYS B 418 -30.14 7.38 -10.56
CA LYS B 418 -29.79 7.75 -11.91
C LYS B 418 -29.55 6.48 -12.72
N PRO B 419 -29.73 6.55 -14.04
CA PRO B 419 -29.49 5.35 -14.82
C PRO B 419 -28.00 5.31 -15.22
N VAL B 420 -27.45 4.11 -15.39
CA VAL B 420 -26.06 3.94 -15.80
C VAL B 420 -25.94 4.63 -17.16
N PRO B 421 -24.99 5.58 -17.31
CA PRO B 421 -24.78 6.31 -18.57
C PRO B 421 -24.91 5.45 -19.83
N GLY B 422 -25.78 5.89 -20.74
CA GLY B 422 -26.04 5.17 -21.96
C GLY B 422 -27.47 4.63 -21.88
N PHE B 423 -27.88 4.44 -20.62
CA PHE B 423 -29.18 3.95 -20.18
C PHE B 423 -29.13 2.51 -19.72
N CYS C 1 6.90 5.11 2.31
CA CYS C 1 5.71 4.83 1.45
C CYS C 1 5.51 5.95 0.41
N VAL C 2 4.65 5.69 -0.58
CA VAL C 2 4.28 6.63 -1.65
C VAL C 2 2.83 6.24 -1.98
N PHE C 3 2.18 6.95 -2.89
CA PHE C 3 0.81 6.59 -3.25
C PHE C 3 0.44 7.03 -4.67
N MET C 4 1.13 8.07 -5.18
CA MET C 4 0.86 8.56 -6.55
C MET C 4 1.96 9.48 -7.08
C ACY D . 5.67 2.28 -15.33
O ACY D . 6.72 2.92 -14.89
OXT ACY D . 4.98 2.55 -16.39
CH3 ACY D . 5.27 1.09 -14.47
ZN ZN E . 3.42 5.49 5.61
C1 FPP F . 6.80 1.45 -1.43
O1 FPP F . 7.32 2.67 -0.85
C2 FPP F . 5.32 1.56 -1.67
C3 FPP F . 4.77 1.59 -2.89
C4 FPP F . 5.62 1.52 -4.13
C5 FPP F . 3.30 1.68 -3.19
C6 FPP F . 2.42 1.89 -1.96
C7 FPP F . 0.95 1.90 -2.31
C8 FPP F . -0.03 2.37 -1.48
C10 FPP F . 0.29 2.91 -0.11
C9 FPP F . -1.49 2.38 -1.81
C11 FPP F . -1.95 3.51 -2.70
C12 FPP F . -3.42 3.47 -2.96
C13 FPP F . -4.10 4.35 -3.74
C14 FPP F . -3.45 5.49 -4.47
C15 FPP F . -5.58 4.23 -3.96
PA FPP F . 8.44 2.51 0.27
O1A FPP F . 9.60 1.63 -0.13
O2A FPP F . 8.89 3.94 0.59
O3A FPP F . 7.69 1.95 1.55
PB FPP F . 7.94 0.61 2.33
O1B FPP F . 9.35 0.51 2.80
O2B FPP F . 7.56 -0.51 1.33
O3B FPP F . 6.91 0.63 3.49
C ACY G . 1.19 22.65 6.83
O ACY G . 2.46 22.54 6.58
OXT ACY G . 0.36 23.45 6.26
CH3 ACY G . 0.68 21.71 7.91
#